data_4MDC
#
_entry.id   4MDC
#
_cell.length_a   182.181
_cell.length_b   53.508
_cell.length_c   111.123
_cell.angle_alpha   90.000
_cell.angle_beta   115.880
_cell.angle_gamma   90.000
#
_symmetry.space_group_name_H-M   'C 1 2 1'
#
loop_
_entity.id
_entity.type
_entity.pdbx_description
1 polymer 'Putative glutathione S-transferase'
2 non-polymer GLYCEROL
3 water water
#
_entity_poly.entity_id   1
_entity_poly.type   'polypeptide(L)'
_entity_poly.pdbx_seq_one_letter_code
;(MSE)HHHHHHSSGVDLGTENLYFQS(MSE)PTLYHHP(MSE)SPASRFVRLILSEYGYQTELSEEQPWENRRDFLTLNP
AGTLPVYVDDS(MSE)RALCGATIISEYLDETSGI(MSE)KRDRRLLAEDPFQRAEIRRLTEWFLQK(MSE)EADVTRPL
VRERIFKLQ(MSE)TPDQGGGAPDSKILRTSRSNIRQH(MSE)KYLSWLAGSRPWLAGDRISYGDLAAAAAISVLDYLGE
IDWSDAPTAKEWYQRLKSRPSFRPLLAERVRGVTPVSHYADLDF
;
_entity_poly.pdbx_strand_id   A,B,C,D
#
loop_
_chem_comp.id
_chem_comp.type
_chem_comp.name
_chem_comp.formula
GOL non-polymer GLYCEROL 'C3 H8 O3'
#
# COMPACT_ATOMS: atom_id res chain seq x y z
N SER A 22 -0.13 26.70 -49.80
CA SER A 22 -1.44 26.02 -50.06
C SER A 22 -2.24 26.03 -48.76
N MSE A 23 -3.55 26.08 -48.89
CA MSE A 23 -4.40 26.31 -47.75
C MSE A 23 -4.38 25.09 -46.82
O MSE A 23 -4.14 23.97 -47.23
CB MSE A 23 -5.75 26.68 -48.33
CG MSE A 23 -6.57 25.50 -48.76
SE MSE A 23 -8.32 26.18 -49.28
CE MSE A 23 -7.72 27.75 -50.30
N PRO A 24 -4.59 25.34 -45.54
CA PRO A 24 -4.61 24.17 -44.68
C PRO A 24 -5.88 23.30 -44.87
N THR A 25 -5.87 22.12 -44.24
CA THR A 25 -6.94 21.13 -44.36
C THR A 25 -7.55 20.91 -42.98
N LEU A 26 -8.85 20.80 -42.93
CA LEU A 26 -9.60 20.48 -41.73
C LEU A 26 -10.30 19.16 -41.96
N TYR A 27 -9.86 18.14 -41.22
CA TYR A 27 -10.54 16.87 -41.18
C TYR A 27 -11.68 16.99 -40.19
N HIS A 28 -12.90 16.63 -40.59
CA HIS A 28 -14.07 16.97 -39.81
C HIS A 28 -15.19 16.00 -40.13
N HIS A 29 -16.30 16.14 -39.40
CA HIS A 29 -17.57 15.52 -39.75
C HIS A 29 -18.69 16.55 -39.56
N PRO A 30 -19.60 16.70 -40.53
CA PRO A 30 -20.76 17.60 -40.35
C PRO A 30 -21.56 17.51 -39.03
N MSE A 31 -21.69 16.31 -38.46
CA MSE A 31 -22.48 16.11 -37.26
C MSE A 31 -21.63 16.03 -36.01
O MSE A 31 -22.10 15.63 -34.96
CB MSE A 31 -23.36 14.88 -37.39
CG MSE A 31 -24.34 15.05 -38.55
SE MSE A 31 -25.78 16.33 -38.11
CE MSE A 31 -25.40 17.99 -38.83
N SER A 32 -20.39 16.55 -36.12
CA SER A 32 -19.48 16.75 -34.94
C SER A 32 -19.55 18.21 -34.48
N PRO A 33 -20.13 18.47 -33.33
CA PRO A 33 -20.08 19.84 -32.81
C PRO A 33 -18.70 20.46 -32.73
N ALA A 34 -17.70 19.70 -32.29
CA ALA A 34 -16.36 20.23 -32.21
C ALA A 34 -15.85 20.73 -33.59
N SER A 35 -16.16 19.93 -34.61
CA SER A 35 -15.80 20.26 -35.99
C SER A 35 -16.51 21.53 -36.43
N ARG A 36 -17.80 21.65 -36.15
CA ARG A 36 -18.52 22.87 -36.47
C ARG A 36 -18.00 24.10 -35.75
N PHE A 37 -17.65 23.93 -34.51
CA PHE A 37 -17.06 25.01 -33.75
C PHE A 37 -15.78 25.58 -34.40
N VAL A 38 -14.89 24.70 -34.84
CA VAL A 38 -13.66 25.14 -35.49
C VAL A 38 -13.94 25.80 -36.82
N ARG A 39 -14.89 25.24 -37.57
CA ARG A 39 -15.28 25.88 -38.85
C ARG A 39 -15.78 27.29 -38.62
N LEU A 40 -16.58 27.51 -37.57
CA LEU A 40 -17.01 28.82 -37.22
C LEU A 40 -15.88 29.80 -36.90
N ILE A 41 -14.90 29.35 -36.12
CA ILE A 41 -13.79 30.24 -35.76
C ILE A 41 -12.99 30.60 -37.03
N LEU A 42 -12.70 29.58 -37.83
CA LEU A 42 -12.03 29.86 -39.16
C LEU A 42 -12.76 30.85 -40.02
N SER A 43 -14.08 30.71 -40.16
CA SER A 43 -14.80 31.67 -41.00
C SER A 43 -14.81 33.08 -40.40
N GLU A 44 -15.04 33.17 -39.09
CA GLU A 44 -15.10 34.45 -38.38
C GLU A 44 -13.80 35.22 -38.57
N TYR A 45 -12.68 34.49 -38.61
CA TYR A 45 -11.38 35.09 -38.73
C TYR A 45 -10.87 35.13 -40.19
N GLY A 46 -11.70 34.70 -41.15
CA GLY A 46 -11.39 34.97 -42.55
C GLY A 46 -10.43 33.95 -43.18
N TYR A 47 -10.28 32.79 -42.56
CA TYR A 47 -9.44 31.76 -43.14
C TYR A 47 -10.12 31.05 -44.26
N GLN A 48 -9.32 30.57 -45.21
CA GLN A 48 -9.79 29.67 -46.27
C GLN A 48 -9.26 28.29 -45.96
N THR A 49 -10.12 27.30 -45.99
CA THR A 49 -9.77 25.96 -45.52
C THR A 49 -10.32 24.87 -46.46
N GLU A 50 -9.54 23.83 -46.68
CA GLU A 50 -10.04 22.67 -47.42
C GLU A 50 -10.70 21.76 -46.42
N LEU A 51 -11.97 21.44 -46.60
CA LEU A 51 -12.66 20.50 -45.66
C LEU A 51 -12.56 19.07 -46.18
N SER A 52 -12.14 18.16 -45.31
CA SER A 52 -12.04 16.77 -45.66
C SER A 52 -12.85 15.95 -44.67
N GLU A 53 -13.92 15.35 -45.16
CA GLU A 53 -14.83 14.63 -44.28
C GLU A 53 -14.20 13.30 -43.89
N GLU A 54 -14.24 12.99 -42.59
CA GLU A 54 -13.60 11.82 -42.04
C GLU A 54 -14.63 11.06 -41.21
N GLN A 55 -14.50 9.74 -41.33
CA GLN A 55 -15.31 8.80 -40.56
C GLN A 55 -14.37 8.10 -39.60
N PRO A 56 -14.31 8.55 -38.33
CA PRO A 56 -13.33 8.00 -37.38
C PRO A 56 -13.44 6.48 -37.14
N TRP A 57 -14.67 5.96 -37.23
CA TRP A 57 -14.90 4.53 -37.00
C TRP A 57 -14.22 3.65 -38.03
N GLU A 58 -13.82 4.23 -39.18
CA GLU A 58 -13.03 3.45 -40.14
C GLU A 58 -11.61 3.12 -39.70
N ASN A 59 -11.07 3.86 -38.72
CA ASN A 59 -9.67 3.69 -38.28
C ASN A 59 -8.72 3.79 -39.48
N ARG A 60 -8.95 4.80 -40.32
CA ARG A 60 -8.11 5.03 -41.50
C ARG A 60 -6.68 5.24 -41.01
N ARG A 61 -5.75 4.42 -41.46
CA ARG A 61 -4.37 4.53 -40.99
C ARG A 61 -3.73 5.92 -41.19
N ASP A 62 -3.95 6.55 -42.34
CA ASP A 62 -3.34 7.85 -42.58
C ASP A 62 -3.95 8.90 -41.62
N PHE A 63 -5.23 8.78 -41.34
CA PHE A 63 -5.89 9.68 -40.37
C PHE A 63 -5.35 9.46 -38.92
N LEU A 64 -5.19 8.20 -38.54
CA LEU A 64 -4.59 7.90 -37.22
C LEU A 64 -3.12 8.31 -37.11
N THR A 65 -2.40 8.35 -38.23
CA THR A 65 -1.03 8.87 -38.20
C THR A 65 -1.04 10.37 -37.90
N LEU A 66 -1.99 11.09 -38.44
CA LEU A 66 -2.10 12.50 -38.09
C LEU A 66 -2.53 12.70 -36.65
N ASN A 67 -3.51 11.92 -36.23
CA ASN A 67 -4.11 12.05 -34.90
C ASN A 67 -4.39 10.68 -34.30
N PRO A 68 -3.45 10.17 -33.48
CA PRO A 68 -3.57 8.81 -32.99
C PRO A 68 -4.78 8.60 -32.07
N ALA A 69 -5.35 9.69 -31.54
CA ALA A 69 -6.54 9.60 -30.73
C ALA A 69 -7.79 9.32 -31.55
N GLY A 70 -7.73 9.59 -32.86
CA GLY A 70 -8.91 9.39 -33.73
C GLY A 70 -10.08 10.40 -33.56
N THR A 71 -9.83 11.56 -33.00
CA THR A 71 -10.83 12.50 -32.62
C THR A 71 -10.90 13.57 -33.72
N LEU A 72 -11.98 14.34 -33.72
CA LEU A 72 -12.19 15.40 -34.72
C LEU A 72 -12.47 16.74 -34.04
N PRO A 73 -12.17 17.86 -34.74
CA PRO A 73 -11.49 17.89 -36.01
C PRO A 73 -9.97 17.87 -35.88
N VAL A 74 -9.28 17.89 -37.04
CA VAL A 74 -7.83 17.98 -37.12
C VAL A 74 -7.47 19.00 -38.13
N TYR A 75 -6.61 19.94 -37.74
CA TYR A 75 -6.21 21.05 -38.66
C TYR A 75 -4.78 20.83 -39.04
N VAL A 76 -4.51 20.84 -40.35
CA VAL A 76 -3.16 20.57 -40.83
C VAL A 76 -2.78 21.56 -41.87
N ASP A 77 -1.74 22.29 -41.60
CA ASP A 77 -1.11 23.12 -42.62
C ASP A 77 0.04 22.44 -43.33
N ASP A 78 0.72 23.17 -44.23
CA ASP A 78 1.89 22.66 -45.02
C ASP A 78 2.98 21.93 -44.22
N SER A 79 3.15 22.36 -42.98
CA SER A 79 4.19 21.81 -42.11
C SER A 79 3.92 20.37 -41.77
N MSE A 80 2.70 19.89 -42.00
CA MSE A 80 2.27 18.55 -41.60
C MSE A 80 2.21 18.37 -40.10
O MSE A 80 2.17 17.24 -39.60
CB MSE A 80 3.13 17.43 -42.22
CG MSE A 80 3.16 17.45 -43.76
SE MSE A 80 1.35 17.57 -44.55
CE MSE A 80 0.62 15.85 -43.92
N ARG A 81 2.16 19.47 -39.33
CA ARG A 81 1.98 19.35 -37.90
C ARG A 81 0.49 19.43 -37.57
N ALA A 82 -0.05 18.27 -37.25
CA ALA A 82 -1.46 18.13 -37.03
C ALA A 82 -1.85 18.70 -35.64
N LEU A 83 -2.81 19.60 -35.66
CA LEU A 83 -3.42 20.14 -34.45
C LEU A 83 -4.72 19.44 -34.22
N CYS A 84 -4.77 18.76 -33.07
CA CYS A 84 -5.78 17.78 -32.78
C CYS A 84 -6.84 18.20 -31.72
N GLY A 85 -8.07 18.39 -32.21
CA GLY A 85 -9.23 18.64 -31.39
C GLY A 85 -9.56 20.10 -31.35
N ALA A 86 -10.79 20.36 -30.95
CA ALA A 86 -11.32 21.74 -30.87
C ALA A 86 -10.55 22.64 -29.94
N THR A 87 -10.25 22.15 -28.75
CA THR A 87 -9.55 22.99 -27.79
C THR A 87 -8.16 23.43 -28.31
N ILE A 88 -7.37 22.51 -28.83
CA ILE A 88 -6.01 22.79 -29.23
C ILE A 88 -6.04 23.75 -30.43
N ILE A 89 -6.97 23.49 -31.31
CA ILE A 89 -7.05 24.29 -32.55
C ILE A 89 -7.50 25.70 -32.17
N SER A 90 -8.53 25.81 -31.32
CA SER A 90 -9.03 27.14 -30.91
C SER A 90 -8.01 27.96 -30.16
N GLU A 91 -7.19 27.31 -29.34
CA GLU A 91 -6.09 28.02 -28.65
C GLU A 91 -5.02 28.48 -29.66
N TYR A 92 -4.67 27.59 -30.59
CA TYR A 92 -3.67 27.91 -31.62
C TYR A 92 -4.13 29.12 -32.47
N LEU A 93 -5.40 29.11 -32.87
CA LEU A 93 -5.95 30.21 -33.64
C LEU A 93 -5.96 31.53 -32.86
N ASP A 94 -6.18 31.48 -31.55
CA ASP A 94 -6.04 32.68 -30.77
C ASP A 94 -4.59 33.20 -30.73
N GLU A 95 -3.65 32.28 -30.59
CA GLU A 95 -2.22 32.61 -30.47
C GLU A 95 -1.60 33.18 -31.75
N THR A 96 -2.13 32.77 -32.88
CA THR A 96 -1.55 33.09 -34.16
C THR A 96 -2.39 34.10 -34.96
N SER A 97 -3.60 34.46 -34.49
CA SER A 97 -4.52 35.40 -35.15
C SER A 97 -5.33 36.19 -34.12
N GLY A 98 -5.91 35.49 -33.17
CA GLY A 98 -6.80 36.10 -32.14
C GLY A 98 -6.26 37.30 -31.36
N ILE A 99 -4.99 37.24 -31.04
CA ILE A 99 -4.32 38.33 -30.34
C ILE A 99 -4.33 39.67 -31.13
N MSE A 100 -4.46 39.60 -32.45
CA MSE A 100 -4.49 40.80 -33.33
C MSE A 100 -5.83 41.48 -33.46
O MSE A 100 -5.92 42.66 -33.85
CB MSE A 100 -4.12 40.41 -34.77
CG MSE A 100 -2.74 39.81 -34.98
SE MSE A 100 -1.35 40.69 -33.87
CE MSE A 100 -1.78 42.63 -33.77
N LYS A 101 -6.88 40.75 -33.13
CA LYS A 101 -8.24 41.08 -33.58
C LYS A 101 -8.92 42.19 -32.76
N ARG A 102 -8.29 42.64 -31.68
CA ARG A 102 -8.86 43.69 -30.79
C ARG A 102 -10.36 43.42 -30.48
N ASP A 103 -11.28 44.30 -30.89
CA ASP A 103 -12.73 44.14 -30.54
C ASP A 103 -13.35 42.80 -30.99
N ARG A 104 -12.74 42.19 -32.01
CA ARG A 104 -13.28 41.02 -32.67
C ARG A 104 -12.62 39.71 -32.18
N ARG A 105 -11.78 39.84 -31.19
CA ARG A 105 -11.07 38.67 -30.63
C ARG A 105 -12.07 37.78 -29.93
N LEU A 106 -12.03 36.49 -30.18
CA LEU A 106 -13.06 35.57 -29.70
C LEU A 106 -12.68 34.89 -28.37
N LEU A 107 -11.40 35.01 -27.99
N LEU A 107 -11.42 34.98 -27.99
CA LEU A 107 -10.86 34.68 -26.62
CA LEU A 107 -10.98 34.63 -26.62
C LEU A 107 -10.16 35.86 -25.91
C LEU A 107 -10.96 35.98 -25.85
N ALA A 108 -10.69 36.33 -24.83
N ALA A 108 -10.09 36.21 -24.89
CA ALA A 108 -10.14 37.49 -24.14
CA ALA A 108 -10.00 37.50 -24.21
C ALA A 108 -8.64 37.50 -23.71
C ALA A 108 -8.59 37.52 -23.73
N GLU A 109 -8.17 38.62 -23.17
CA GLU A 109 -6.83 38.72 -22.61
C GLU A 109 -6.80 38.36 -21.13
N ASP A 110 -7.78 38.85 -20.40
CA ASP A 110 -7.85 38.67 -18.96
C ASP A 110 -7.96 37.17 -18.61
N PRO A 111 -7.13 36.68 -17.66
CA PRO A 111 -7.19 35.22 -17.30
C PRO A 111 -8.52 34.72 -16.79
N PHE A 112 -9.23 35.49 -15.96
CA PHE A 112 -10.55 35.03 -15.53
C PHE A 112 -11.58 35.01 -16.66
N GLN A 113 -11.54 36.00 -17.57
CA GLN A 113 -12.46 35.98 -18.70
C GLN A 113 -12.14 34.82 -19.66
N ARG A 114 -10.85 34.57 -19.87
CA ARG A 114 -10.41 33.42 -20.67
C ARG A 114 -10.92 32.11 -20.07
N ALA A 115 -10.79 32.01 -18.73
CA ALA A 115 -11.28 30.85 -18.01
C ALA A 115 -12.78 30.66 -18.23
N GLU A 116 -13.56 31.75 -18.23
CA GLU A 116 -15.01 31.61 -18.42
C GLU A 116 -15.36 31.19 -19.81
N ILE A 117 -14.65 31.74 -20.79
CA ILE A 117 -14.90 31.37 -22.20
C ILE A 117 -14.59 29.88 -22.44
N ARG A 118 -13.48 29.42 -21.86
CA ARG A 118 -13.12 28.00 -21.91
C ARG A 118 -14.14 27.13 -21.16
N ARG A 119 -14.61 27.59 -20.01
CA ARG A 119 -15.58 26.82 -19.22
C ARG A 119 -16.84 26.56 -20.05
N LEU A 120 -17.30 27.59 -20.76
CA LEU A 120 -18.48 27.45 -21.61
C LEU A 120 -18.22 26.57 -22.86
N THR A 121 -17.05 26.71 -23.43
CA THR A 121 -16.64 25.84 -24.56
C THR A 121 -16.66 24.37 -24.13
N GLU A 122 -16.10 24.07 -22.94
CA GLU A 122 -16.09 22.73 -22.42
C GLU A 122 -17.50 22.21 -22.01
N TRP A 123 -18.35 23.11 -21.52
CA TRP A 123 -19.72 22.75 -21.16
C TRP A 123 -20.43 22.18 -22.34
N PHE A 124 -20.39 22.91 -23.47
CA PHE A 124 -21.11 22.46 -24.62
C PHE A 124 -20.45 21.37 -25.46
N LEU A 125 -19.12 21.39 -25.57
CA LEU A 125 -18.38 20.40 -26.37
C LEU A 125 -17.95 19.14 -25.65
N GLN A 126 -17.99 19.17 -24.31
CA GLN A 126 -17.61 18.01 -23.51
C GLN A 126 -18.75 17.51 -22.65
N LYS A 127 -19.35 18.38 -21.84
CA LYS A 127 -20.37 17.90 -20.89
C LYS A 127 -21.68 17.56 -21.63
N MSE A 128 -22.22 18.51 -22.35
CA MSE A 128 -23.46 18.24 -23.09
C MSE A 128 -23.21 17.21 -24.19
O MSE A 128 -24.09 16.43 -24.54
CB MSE A 128 -24.00 19.51 -23.73
CG MSE A 128 -25.44 19.29 -24.24
SE MSE A 128 -26.23 20.93 -25.00
CE MSE A 128 -25.41 20.97 -26.74
N GLU A 129 -21.98 17.17 -24.69
CA GLU A 129 -21.61 16.23 -25.70
C GLU A 129 -21.70 14.80 -25.18
N ALA A 130 -21.21 14.57 -23.96
CA ALA A 130 -21.28 13.25 -23.33
C ALA A 130 -22.69 12.88 -22.88
N ASP A 131 -23.38 13.85 -22.29
CA ASP A 131 -24.72 13.63 -21.79
C ASP A 131 -25.75 13.40 -22.88
N VAL A 132 -25.62 14.09 -23.98
CA VAL A 132 -26.65 14.16 -25.02
C VAL A 132 -26.12 13.91 -26.46
N THR A 133 -25.20 14.77 -26.93
CA THR A 133 -25.02 14.93 -28.40
C THR A 133 -24.26 13.76 -29.05
N ARG A 134 -23.18 13.33 -28.44
CA ARG A 134 -22.42 12.21 -28.99
C ARG A 134 -23.28 10.94 -29.08
N PRO A 135 -23.92 10.50 -27.96
CA PRO A 135 -24.70 9.27 -28.13
C PRO A 135 -25.86 9.36 -29.09
N LEU A 136 -26.47 10.52 -29.16
CA LEU A 136 -27.60 10.71 -30.01
CA LEU A 136 -27.62 10.71 -30.01
C LEU A 136 -27.19 10.70 -31.50
N VAL A 137 -26.11 11.41 -31.82
CA VAL A 137 -25.51 11.43 -33.18
C VAL A 137 -25.04 10.03 -33.60
N ARG A 138 -24.44 9.30 -32.66
CA ARG A 138 -24.02 7.94 -32.93
C ARG A 138 -25.20 7.06 -33.34
N GLU A 139 -26.27 7.09 -32.55
CA GLU A 139 -27.46 6.26 -32.83
C GLU A 139 -28.18 6.67 -34.11
N ARG A 140 -28.31 7.96 -34.34
CA ARG A 140 -29.11 8.48 -35.44
C ARG A 140 -28.38 8.76 -36.75
N ILE A 141 -27.08 9.04 -36.69
CA ILE A 141 -26.31 9.37 -37.87
C ILE A 141 -25.23 8.36 -38.16
N PHE A 142 -24.30 8.15 -37.22
CA PHE A 142 -23.14 7.32 -37.49
C PHE A 142 -23.56 5.88 -37.75
N LYS A 143 -24.56 5.39 -37.01
CA LYS A 143 -25.06 4.03 -37.20
C LYS A 143 -25.77 3.78 -38.52
N LEU A 144 -26.11 4.84 -39.25
CA LEU A 144 -26.58 4.72 -40.64
C LEU A 144 -25.42 4.59 -41.61
N GLN A 145 -24.42 5.45 -41.41
CA GLN A 145 -23.25 5.49 -42.27
C GLN A 145 -22.35 4.25 -42.09
N MSE A 146 -22.40 3.63 -40.93
CA MSE A 146 -21.54 2.47 -40.61
C MSE A 146 -22.04 1.20 -41.22
O MSE A 146 -23.25 1.00 -41.37
CB MSE A 146 -21.55 2.19 -39.10
CG MSE A 146 -20.56 3.05 -38.33
SE MSE A 146 -21.01 2.90 -36.41
CE MSE A 146 -20.25 4.50 -35.69
N THR A 147 -21.11 0.30 -41.55
CA THR A 147 -21.46 -1.10 -41.93
C THR A 147 -21.79 -1.92 -40.67
N PRO A 148 -22.50 -3.05 -40.84
CA PRO A 148 -22.77 -3.92 -39.69
C PRO A 148 -21.55 -4.23 -38.86
N ASP A 149 -20.45 -4.57 -39.51
CA ASP A 149 -19.17 -4.86 -38.79
C ASP A 149 -18.63 -3.72 -37.97
N GLN A 150 -18.84 -2.50 -38.47
CA GLN A 150 -18.37 -1.29 -37.79
C GLN A 150 -19.24 -0.90 -36.59
N GLY A 151 -20.37 -1.57 -36.42
CA GLY A 151 -21.34 -1.25 -35.35
C GLY A 151 -22.63 -0.66 -35.87
N GLY A 152 -22.83 -0.72 -37.19
CA GLY A 152 -23.99 -0.15 -37.84
C GLY A 152 -25.26 -0.90 -37.52
N GLY A 153 -26.39 -0.22 -37.62
CA GLY A 153 -27.68 -0.85 -37.34
C GLY A 153 -28.77 0.14 -36.99
N ALA A 154 -29.86 -0.39 -36.44
CA ALA A 154 -30.98 0.42 -36.00
C ALA A 154 -30.60 1.17 -34.74
N PRO A 155 -31.20 2.36 -34.53
CA PRO A 155 -30.92 3.08 -33.29
C PRO A 155 -31.33 2.30 -32.03
N ASP A 156 -30.50 2.37 -30.98
CA ASP A 156 -30.79 1.74 -29.69
C ASP A 156 -31.79 2.63 -28.91
N SER A 157 -33.02 2.15 -28.69
CA SER A 157 -34.05 2.96 -28.02
CA SER A 157 -34.06 2.96 -28.01
C SER A 157 -33.67 3.40 -26.60
N LYS A 158 -32.93 2.57 -25.87
CA LYS A 158 -32.54 2.89 -24.51
C LYS A 158 -31.51 4.02 -24.43
N ILE A 159 -30.54 3.97 -25.33
CA ILE A 159 -29.60 5.11 -25.47
C ILE A 159 -30.31 6.39 -25.89
N LEU A 160 -31.24 6.29 -26.82
CA LEU A 160 -32.03 7.45 -27.21
C LEU A 160 -32.78 8.03 -26.03
N ARG A 161 -33.40 7.17 -25.21
CA ARG A 161 -34.11 7.66 -24.01
C ARG A 161 -33.23 8.40 -23.07
N THR A 162 -32.09 7.78 -22.72
CA THR A 162 -31.15 8.38 -21.77
C THR A 162 -30.61 9.73 -22.25
N SER A 163 -30.18 9.77 -23.50
CA SER A 163 -29.71 11.06 -24.09
C SER A 163 -30.79 12.13 -24.11
N ARG A 164 -31.97 11.76 -24.54
CA ARG A 164 -33.06 12.73 -24.62
C ARG A 164 -33.48 13.25 -23.26
N SER A 165 -33.39 12.39 -22.24
CA SER A 165 -33.83 12.80 -20.89
C SER A 165 -32.93 13.87 -20.35
N ASN A 166 -31.72 13.98 -20.88
CA ASN A 166 -30.76 14.96 -20.42
C ASN A 166 -30.88 16.34 -21.11
N ILE A 167 -31.63 16.43 -22.21
CA ILE A 167 -31.68 17.66 -23.04
C ILE A 167 -32.33 18.85 -22.37
N ARG A 168 -33.47 18.60 -21.72
CA ARG A 168 -34.26 19.71 -21.18
C ARG A 168 -33.44 20.49 -20.13
N GLN A 169 -32.70 19.81 -19.28
CA GLN A 169 -31.83 20.51 -18.29
C GLN A 169 -30.70 21.37 -18.99
N HIS A 170 -30.10 20.86 -20.08
CA HIS A 170 -29.08 21.61 -20.81
C HIS A 170 -29.69 22.87 -21.50
N MSE A 171 -30.90 22.73 -22.05
CA MSE A 171 -31.64 23.88 -22.67
C MSE A 171 -32.03 24.90 -21.62
O MSE A 171 -31.94 26.10 -21.85
CB MSE A 171 -32.88 23.40 -23.40
CG MSE A 171 -32.53 22.55 -24.61
SE MSE A 171 -31.41 23.52 -25.95
CE MSE A 171 -32.61 25.03 -26.22
N LYS A 172 -32.42 24.44 -20.43
CA LYS A 172 -32.70 25.37 -19.33
C LYS A 172 -31.45 26.19 -18.94
N TYR A 173 -30.29 25.54 -18.93
CA TYR A 173 -29.05 26.28 -18.60
C TYR A 173 -28.66 27.31 -19.69
N LEU A 174 -28.75 26.87 -20.95
CA LEU A 174 -28.49 27.79 -22.06
C LEU A 174 -29.42 29.01 -22.07
N SER A 175 -30.70 28.76 -21.84
CA SER A 175 -31.68 29.86 -21.63
C SER A 175 -31.29 30.82 -20.53
N TRP A 176 -30.82 30.27 -19.43
CA TRP A 176 -30.41 31.13 -18.33
C TRP A 176 -29.20 31.99 -18.71
N LEU A 177 -28.17 31.39 -19.33
CA LEU A 177 -26.96 32.13 -19.73
C LEU A 177 -27.35 33.22 -20.73
N ALA A 178 -28.21 32.83 -21.65
CA ALA A 178 -28.59 33.75 -22.71
C ALA A 178 -29.42 34.92 -22.26
N GLY A 179 -30.27 34.68 -21.27
CA GLY A 179 -31.12 35.71 -20.73
C GLY A 179 -30.42 36.63 -19.76
N SER A 180 -29.25 36.26 -19.28
CA SER A 180 -28.63 37.05 -18.21
C SER A 180 -27.41 37.88 -18.61
N ARG A 181 -26.92 37.68 -19.83
CA ARG A 181 -25.77 38.39 -20.37
C ARG A 181 -25.99 38.66 -21.85
N PRO A 182 -25.34 39.71 -22.40
CA PRO A 182 -25.56 40.00 -23.84
C PRO A 182 -25.09 38.88 -24.77
N TRP A 183 -24.03 38.16 -24.35
CA TRP A 183 -23.54 36.96 -25.02
C TRP A 183 -23.20 35.96 -23.89
N LEU A 184 -22.96 34.69 -24.22
CA LEU A 184 -22.90 33.69 -23.15
C LEU A 184 -21.84 33.96 -22.09
N ALA A 185 -20.71 34.55 -22.48
CA ALA A 185 -19.59 34.80 -21.57
C ALA A 185 -19.48 36.24 -21.10
N GLY A 186 -20.37 37.10 -21.57
CA GLY A 186 -20.29 38.52 -21.21
C GLY A 186 -20.68 39.46 -22.32
N ASP A 187 -19.90 40.52 -22.48
CA ASP A 187 -20.35 41.65 -23.24
C ASP A 187 -20.02 41.54 -24.73
N ARG A 188 -19.26 40.51 -25.14
CA ARG A 188 -19.03 40.30 -26.57
C ARG A 188 -19.06 38.82 -26.93
N ILE A 189 -19.25 38.59 -28.22
CA ILE A 189 -19.22 37.24 -28.76
C ILE A 189 -17.86 36.58 -28.47
N SER A 190 -17.91 35.29 -28.13
CA SER A 190 -16.70 34.53 -27.85
C SER A 190 -16.82 33.09 -28.32
N TYR A 191 -15.72 32.36 -28.16
CA TYR A 191 -15.73 30.91 -28.35
C TYR A 191 -16.87 30.19 -27.61
N GLY A 192 -17.32 30.73 -26.49
CA GLY A 192 -18.46 30.16 -25.77
C GLY A 192 -19.74 30.08 -26.52
N ASP A 193 -20.07 31.18 -27.21
CA ASP A 193 -21.22 31.25 -28.10
C ASP A 193 -21.10 30.34 -29.32
N LEU A 194 -19.91 30.33 -29.91
CA LEU A 194 -19.67 29.45 -31.05
C LEU A 194 -19.79 28.00 -30.70
N ALA A 195 -19.30 27.60 -29.51
CA ALA A 195 -19.35 26.19 -29.11
C ALA A 195 -20.76 25.72 -28.81
N ALA A 196 -21.52 26.54 -28.13
CA ALA A 196 -22.94 26.27 -27.86
C ALA A 196 -23.75 26.20 -29.17
N ALA A 197 -23.51 27.17 -30.05
CA ALA A 197 -24.24 27.22 -31.33
C ALA A 197 -23.92 26.03 -32.24
N ALA A 198 -22.65 25.63 -32.24
CA ALA A 198 -22.23 24.44 -32.96
C ALA A 198 -22.99 23.21 -32.50
N ALA A 199 -23.02 23.01 -31.19
CA ALA A 199 -23.71 21.86 -30.62
C ALA A 199 -25.21 21.91 -30.86
N ILE A 200 -25.79 23.07 -30.59
CA ILE A 200 -27.24 23.24 -30.78
C ILE A 200 -27.62 23.01 -32.24
N SER A 201 -26.78 23.44 -33.19
CA SER A 201 -27.06 23.25 -34.60
C SER A 201 -27.18 21.79 -35.01
N VAL A 202 -26.38 20.92 -34.39
CA VAL A 202 -26.45 19.49 -34.67
C VAL A 202 -27.75 18.89 -34.12
N LEU A 203 -28.07 19.21 -32.86
CA LEU A 203 -29.32 18.74 -32.25
C LEU A 203 -30.53 19.29 -33.00
N ASP A 204 -30.43 20.54 -33.46
CA ASP A 204 -31.53 21.17 -34.17
C ASP A 204 -31.73 20.54 -35.54
N TYR A 205 -30.65 20.22 -36.25
CA TYR A 205 -30.72 19.47 -37.52
C TYR A 205 -31.61 18.25 -37.32
N LEU A 206 -31.34 17.57 -36.19
CA LEU A 206 -32.02 16.31 -35.90
C LEU A 206 -33.41 16.50 -35.31
N GLY A 207 -33.83 17.74 -35.09
CA GLY A 207 -35.17 18.04 -34.56
C GLY A 207 -35.31 17.67 -33.08
N GLU A 208 -34.20 17.66 -32.35
CA GLU A 208 -34.21 17.21 -30.97
C GLU A 208 -34.48 18.31 -29.95
N ILE A 209 -34.57 19.55 -30.41
CA ILE A 209 -34.83 20.68 -29.54
C ILE A 209 -36.25 21.23 -29.73
N ASP A 210 -36.99 21.27 -28.63
CA ASP A 210 -38.26 21.94 -28.57
C ASP A 210 -38.09 23.41 -28.17
N TRP A 211 -38.17 24.29 -29.17
CA TRP A 211 -37.92 25.72 -28.95
C TRP A 211 -39.05 26.45 -28.25
N SER A 212 -40.25 25.85 -28.25
CA SER A 212 -41.41 26.43 -27.55
C SER A 212 -41.15 26.50 -26.03
N ASP A 213 -40.24 25.66 -25.54
CA ASP A 213 -39.84 25.69 -24.10
C ASP A 213 -38.89 26.86 -23.76
N ALA A 214 -38.17 27.31 -24.78
CA ALA A 214 -36.88 27.96 -24.55
C ALA A 214 -36.76 29.29 -25.32
N PRO A 215 -37.65 30.24 -25.05
CA PRO A 215 -37.69 31.48 -25.84
C PRO A 215 -36.43 32.33 -25.75
N THR A 216 -35.79 32.34 -24.59
CA THR A 216 -34.54 33.11 -24.44
CA THR A 216 -34.58 33.10 -24.40
C THR A 216 -33.42 32.50 -25.22
N ALA A 217 -33.30 31.17 -25.19
CA ALA A 217 -32.27 30.49 -25.94
C ALA A 217 -32.53 30.72 -27.42
N LYS A 218 -33.81 30.76 -27.78
CA LYS A 218 -34.18 30.92 -29.18
C LYS A 218 -33.69 32.27 -29.75
N GLU A 219 -33.84 33.34 -28.98
CA GLU A 219 -33.40 34.67 -29.38
C GLU A 219 -31.90 34.68 -29.60
N TRP A 220 -31.18 34.06 -28.68
CA TRP A 220 -29.71 33.97 -28.77
C TRP A 220 -29.27 33.14 -30.00
N TYR A 221 -29.93 31.99 -30.22
CA TYR A 221 -29.55 31.12 -31.32
C TYR A 221 -29.85 31.77 -32.66
N GLN A 222 -30.94 32.53 -32.69
CA GLN A 222 -31.26 33.29 -33.90
C GLN A 222 -30.16 34.25 -34.28
N ARG A 223 -29.58 34.94 -33.31
CA ARG A 223 -28.45 35.81 -33.59
C ARG A 223 -27.24 35.05 -34.12
N LEU A 224 -26.92 33.89 -33.54
CA LEU A 224 -25.74 33.14 -34.03
C LEU A 224 -25.96 32.59 -35.42
N LYS A 225 -27.14 32.02 -35.62
CA LYS A 225 -27.39 31.29 -36.85
C LYS A 225 -27.48 32.24 -38.03
N SER A 226 -27.67 33.53 -37.76
CA SER A 226 -27.74 34.55 -38.81
CA SER A 226 -27.75 34.55 -38.81
C SER A 226 -26.41 35.16 -39.20
N ARG A 227 -25.34 34.78 -38.52
CA ARG A 227 -24.02 35.32 -38.88
C ARG A 227 -23.53 34.68 -40.19
N PRO A 228 -22.75 35.42 -40.98
CA PRO A 228 -22.23 34.83 -42.23
C PRO A 228 -21.48 33.50 -42.03
N SER A 229 -20.77 33.39 -40.90
CA SER A 229 -20.00 32.18 -40.59
C SER A 229 -20.88 30.94 -40.52
N PHE A 230 -22.15 31.12 -40.17
CA PHE A 230 -23.08 30.00 -40.06
C PHE A 230 -23.60 29.47 -41.38
N ARG A 231 -23.47 30.26 -42.46
CA ARG A 231 -24.16 29.90 -43.68
C ARG A 231 -23.81 28.53 -44.20
N PRO A 232 -22.53 28.20 -44.27
CA PRO A 232 -22.20 26.83 -44.70
C PRO A 232 -22.80 25.69 -43.80
N LEU A 233 -22.97 25.95 -42.51
CA LEU A 233 -23.59 24.95 -41.63
CA LEU A 233 -23.59 24.96 -41.62
C LEU A 233 -25.08 24.77 -41.97
N LEU A 234 -25.76 25.88 -42.26
CA LEU A 234 -27.19 25.79 -42.58
C LEU A 234 -27.48 25.20 -43.95
N ALA A 235 -26.50 25.34 -44.86
CA ALA A 235 -26.63 24.80 -46.23
C ALA A 235 -26.33 23.29 -46.25
N GLU A 236 -25.59 22.82 -45.24
CA GLU A 236 -25.06 21.48 -45.19
C GLU A 236 -26.15 20.42 -45.06
N ARG A 237 -25.99 19.26 -45.70
CA ARG A 237 -26.96 18.18 -45.58
C ARG A 237 -26.26 16.86 -45.42
N VAL A 238 -26.87 16.02 -44.61
CA VAL A 238 -26.34 14.71 -44.31
C VAL A 238 -27.12 13.71 -45.14
N ARG A 239 -26.46 12.87 -45.90
CA ARG A 239 -27.30 12.05 -46.76
C ARG A 239 -28.13 10.99 -46.00
N GLY A 240 -29.40 10.88 -46.37
CA GLY A 240 -30.33 9.95 -45.73
C GLY A 240 -30.86 10.43 -44.40
N VAL A 241 -30.57 11.68 -44.06
CA VAL A 241 -31.20 12.30 -42.90
C VAL A 241 -31.60 13.70 -43.27
N THR A 242 -32.90 13.89 -43.34
CA THR A 242 -33.47 15.15 -43.78
C THR A 242 -33.53 16.00 -42.54
N PRO A 243 -33.09 17.26 -42.64
CA PRO A 243 -33.13 18.07 -41.43
C PRO A 243 -34.55 18.44 -41.11
N VAL A 244 -34.79 18.83 -39.88
CA VAL A 244 -36.10 19.37 -39.52
C VAL A 244 -36.40 20.61 -40.39
N SER A 245 -37.68 20.86 -40.68
CA SER A 245 -38.04 21.89 -41.69
C SER A 245 -37.55 23.32 -41.35
N HIS A 246 -37.51 23.67 -40.06
CA HIS A 246 -37.02 25.02 -39.64
C HIS A 246 -35.49 25.17 -39.58
N TYR A 247 -34.75 24.09 -39.87
CA TYR A 247 -33.31 24.05 -39.61
C TYR A 247 -32.53 25.22 -40.21
N ALA A 248 -32.78 25.51 -41.48
CA ALA A 248 -32.07 26.58 -42.18
C ALA A 248 -32.77 27.94 -42.08
N ASP A 249 -33.91 27.99 -41.41
CA ASP A 249 -34.71 29.23 -41.35
C ASP A 249 -34.15 30.20 -40.33
N LEU A 250 -33.87 31.43 -40.77
CA LEU A 250 -33.39 32.47 -39.85
C LEU A 250 -34.50 32.97 -38.94
N ASP A 251 -35.74 32.89 -39.40
CA ASP A 251 -36.90 33.03 -38.52
C ASP A 251 -37.50 31.64 -38.36
N PHE A 252 -37.39 31.09 -37.16
CA PHE A 252 -38.03 29.80 -36.87
C PHE A 252 -38.86 29.98 -35.63
N PHE B 20 -3.85 39.80 3.78
CA PHE B 20 -2.86 38.95 3.05
C PHE B 20 -3.62 38.04 2.09
N GLN B 21 -2.87 37.39 1.22
CA GLN B 21 -3.49 36.54 0.27
C GLN B 21 -3.61 35.14 0.85
N SER B 22 -4.86 34.73 1.08
CA SER B 22 -5.10 33.36 1.53
C SER B 22 -4.68 32.39 0.45
N MSE B 23 -4.17 31.26 0.88
CA MSE B 23 -3.74 30.26 -0.07
C MSE B 23 -4.96 29.67 -0.79
O MSE B 23 -6.07 29.70 -0.26
CB MSE B 23 -2.93 29.21 0.72
CG MSE B 23 -3.69 28.12 1.38
SE MSE B 23 -2.28 26.82 2.03
CE MSE B 23 -1.16 28.13 2.86
N PRO B 24 -4.76 29.22 -2.02
CA PRO B 24 -5.88 28.62 -2.68
C PRO B 24 -6.28 27.27 -2.13
N THR B 25 -7.48 26.86 -2.51
CA THR B 25 -7.99 25.54 -2.18
C THR B 25 -8.11 24.73 -3.44
N LEU B 26 -7.72 23.48 -3.37
CA LEU B 26 -7.96 22.53 -4.43
C LEU B 26 -8.87 21.39 -3.96
N TYR B 27 -10.07 21.30 -4.53
CA TYR B 27 -10.98 20.20 -4.33
C TYR B 27 -10.54 19.08 -5.23
N HIS B 28 -10.29 17.92 -4.68
CA HIS B 28 -9.61 16.87 -5.42
C HIS B 28 -9.99 15.50 -4.85
N HIS B 29 -9.53 14.47 -5.54
CA HIS B 29 -9.53 13.11 -5.02
C HIS B 29 -8.19 12.46 -5.36
N PRO B 30 -7.64 11.68 -4.43
CA PRO B 30 -6.35 11.07 -4.67
C PRO B 30 -6.30 10.19 -5.93
N MSE B 31 -7.42 9.54 -6.27
CA MSE B 31 -7.51 8.57 -7.35
C MSE B 31 -7.98 9.22 -8.65
O MSE B 31 -8.36 8.53 -9.58
CB MSE B 31 -8.32 7.35 -7.01
CG MSE B 31 -7.67 6.60 -5.82
SE MSE B 31 -6.11 5.56 -6.42
CE MSE B 31 -4.59 6.73 -5.94
N SER B 32 -7.95 10.54 -8.67
CA SER B 32 -8.21 11.35 -9.86
C SER B 32 -6.90 11.79 -10.55
N PRO B 33 -6.62 11.28 -11.77
CA PRO B 33 -5.40 11.72 -12.44
C PRO B 33 -5.37 13.26 -12.73
N ALA B 34 -6.50 13.81 -13.07
CA ALA B 34 -6.58 15.25 -13.34
C ALA B 34 -6.21 16.05 -12.06
N SER B 35 -6.63 15.57 -10.89
CA SER B 35 -6.31 16.19 -9.65
C SER B 35 -4.82 16.12 -9.37
N ARG B 36 -4.22 14.94 -9.54
CA ARG B 36 -2.81 14.78 -9.33
C ARG B 36 -1.98 15.62 -10.27
N PHE B 37 -2.46 15.76 -11.48
CA PHE B 37 -1.78 16.58 -12.48
C PHE B 37 -1.69 18.04 -11.99
N VAL B 38 -2.80 18.58 -11.54
CA VAL B 38 -2.82 19.92 -10.99
C VAL B 38 -1.94 20.08 -9.76
N ARG B 39 -2.00 19.11 -8.86
CA ARG B 39 -1.12 19.14 -7.73
C ARG B 39 0.36 19.22 -8.12
N LEU B 40 0.74 18.44 -9.11
CA LEU B 40 2.10 18.44 -9.58
C LEU B 40 2.52 19.77 -10.11
N ILE B 41 1.65 20.41 -10.88
CA ILE B 41 1.95 21.75 -11.35
C ILE B 41 2.16 22.75 -10.20
N LEU B 42 1.24 22.72 -9.25
CA LEU B 42 1.31 23.60 -8.08
C LEU B 42 2.61 23.36 -7.30
N SER B 43 3.00 22.10 -7.06
CA SER B 43 4.28 21.81 -6.40
C SER B 43 5.53 22.24 -7.19
N GLU B 44 5.54 21.98 -8.50
CA GLU B 44 6.67 22.35 -9.37
C GLU B 44 6.87 23.86 -9.32
N TYR B 45 5.78 24.61 -9.21
CA TYR B 45 5.82 26.08 -9.21
C TYR B 45 5.86 26.68 -7.77
N GLY B 46 5.93 25.84 -6.76
CA GLY B 46 6.16 26.33 -5.39
C GLY B 46 4.94 26.94 -4.71
N TYR B 47 3.75 26.62 -5.19
CA TYR B 47 2.53 27.05 -4.53
C TYR B 47 2.32 26.20 -3.27
N GLN B 48 1.66 26.80 -2.31
CA GLN B 48 1.12 26.07 -1.14
C GLN B 48 -0.36 26.08 -1.31
N THR B 49 -0.99 24.94 -1.12
CA THR B 49 -2.42 24.80 -1.40
C THR B 49 -3.12 24.05 -0.29
N GLU B 50 -4.33 24.45 0.04
CA GLU B 50 -5.18 23.65 0.95
C GLU B 50 -5.90 22.58 0.14
N LEU B 51 -5.71 21.31 0.48
CA LEU B 51 -6.36 20.23 -0.26
C LEU B 51 -7.65 19.86 0.43
N SER B 52 -8.72 19.79 -0.32
CA SER B 52 -10.00 19.38 0.22
C SER B 52 -10.54 18.19 -0.59
N GLU B 53 -10.62 17.05 0.06
CA GLU B 53 -10.99 15.81 -0.61
C GLU B 53 -12.48 15.77 -0.87
N GLU B 54 -12.86 15.40 -2.08
CA GLU B 54 -14.29 15.29 -2.48
C GLU B 54 -14.54 13.94 -3.12
N GLN B 55 -15.71 13.35 -3.00
CA GLN B 55 -15.95 12.05 -3.68
C GLN B 55 -16.54 12.31 -5.10
N PRO B 56 -15.81 11.93 -6.20
CA PRO B 56 -16.28 12.25 -7.60
C PRO B 56 -17.70 11.67 -7.88
N TRP B 57 -18.02 10.55 -7.25
CA TRP B 57 -19.35 9.92 -7.32
C TRP B 57 -20.49 10.47 -6.43
N GLU B 58 -20.19 11.21 -5.37
CA GLU B 58 -21.22 11.42 -4.30
C GLU B 58 -22.36 12.40 -4.56
N ASN B 59 -22.15 13.31 -5.50
CA ASN B 59 -23.17 14.33 -5.82
C ASN B 59 -23.66 15.17 -4.64
N ARG B 60 -22.75 15.66 -3.82
CA ARG B 60 -23.24 16.44 -2.70
C ARG B 60 -23.63 17.85 -3.17
N ARG B 61 -24.76 18.33 -2.65
CA ARG B 61 -25.37 19.57 -3.15
C ARG B 61 -24.47 20.80 -3.07
N ASP B 62 -23.70 20.93 -1.97
CA ASP B 62 -22.77 22.05 -1.88
C ASP B 62 -21.63 21.99 -2.93
N PHE B 63 -21.09 20.79 -3.17
CA PHE B 63 -20.02 20.64 -4.15
C PHE B 63 -20.56 20.93 -5.56
N LEU B 64 -21.75 20.41 -5.84
CA LEU B 64 -22.39 20.69 -7.14
C LEU B 64 -22.81 22.15 -7.34
N THR B 65 -23.01 22.90 -6.26
CA THR B 65 -23.18 24.34 -6.36
C THR B 65 -21.87 25.00 -6.84
N LEU B 66 -20.75 24.54 -6.33
CA LEU B 66 -19.47 25.09 -6.71
C LEU B 66 -19.14 24.71 -8.15
N ASN B 67 -19.42 23.46 -8.49
CA ASN B 67 -19.15 22.93 -9.81
C ASN B 67 -20.27 22.03 -10.28
N PRO B 68 -21.23 22.60 -11.03
CA PRO B 68 -22.40 21.82 -11.45
C PRO B 68 -22.05 20.68 -12.38
N ALA B 69 -20.87 20.76 -13.03
CA ALA B 69 -20.37 19.68 -13.88
C ALA B 69 -19.93 18.47 -13.07
N GLY B 70 -19.69 18.65 -11.75
CA GLY B 70 -19.30 17.54 -10.86
C GLY B 70 -17.91 16.97 -11.12
N THR B 71 -17.09 17.68 -11.89
CA THR B 71 -15.79 17.21 -12.29
C THR B 71 -14.73 17.61 -11.19
N LEU B 72 -13.58 16.94 -11.22
CA LEU B 72 -12.43 17.28 -10.40
C LEU B 72 -11.17 17.50 -11.26
N PRO B 73 -10.22 18.30 -10.78
CA PRO B 73 -10.29 19.02 -9.56
C PRO B 73 -10.98 20.38 -9.78
N VAL B 74 -11.18 21.09 -8.67
CA VAL B 74 -11.68 22.47 -8.76
C VAL B 74 -10.71 23.32 -7.96
N TYR B 75 -10.23 24.43 -8.56
CA TYR B 75 -9.25 25.29 -7.91
C TYR B 75 -9.93 26.60 -7.59
N VAL B 76 -9.85 27.03 -6.34
CA VAL B 76 -10.45 28.27 -5.94
C VAL B 76 -9.42 29.09 -5.24
N ASP B 77 -8.91 30.09 -5.92
CA ASP B 77 -7.97 30.99 -5.29
C ASP B 77 -8.73 32.11 -4.63
N ASP B 78 -8.02 33.05 -4.02
CA ASP B 78 -8.73 34.04 -3.25
C ASP B 78 -9.60 35.00 -4.10
N SER B 79 -9.55 34.92 -5.43
CA SER B 79 -10.57 35.59 -6.26
C SER B 79 -11.96 35.01 -6.03
N MSE B 80 -12.04 33.83 -5.39
CA MSE B 80 -13.30 33.12 -5.19
C MSE B 80 -13.94 32.65 -6.51
O MSE B 80 -15.08 32.25 -6.51
CB MSE B 80 -14.33 33.91 -4.38
CG MSE B 80 -13.82 34.35 -3.00
SE MSE B 80 -12.99 32.88 -1.98
CE MSE B 80 -14.54 31.70 -1.79
N ARG B 81 -13.20 32.67 -7.63
CA ARG B 81 -13.73 32.18 -8.90
C ARG B 81 -13.32 30.76 -9.10
N ALA B 82 -14.27 29.84 -9.15
CA ALA B 82 -13.96 28.42 -9.31
C ALA B 82 -13.51 28.07 -10.71
N LEU B 83 -12.35 27.46 -10.80
CA LEU B 83 -11.75 27.02 -12.04
C LEU B 83 -11.84 25.49 -12.03
N CYS B 84 -12.54 24.95 -12.99
CA CYS B 84 -12.85 23.53 -12.99
C CYS B 84 -12.16 22.73 -14.09
N GLY B 85 -11.51 21.65 -13.68
CA GLY B 85 -10.89 20.73 -14.58
C GLY B 85 -9.41 21.02 -14.85
N ALA B 86 -8.72 20.02 -15.31
CA ALA B 86 -7.29 20.11 -15.49
C ALA B 86 -6.85 21.11 -16.58
N THR B 87 -7.61 21.16 -17.63
CA THR B 87 -7.22 22.04 -18.77
C THR B 87 -7.32 23.52 -18.31
N ILE B 88 -8.48 23.93 -17.83
CA ILE B 88 -8.70 25.30 -17.42
C ILE B 88 -7.72 25.74 -16.34
N ILE B 89 -7.50 24.86 -15.36
CA ILE B 89 -6.62 25.22 -14.32
C ILE B 89 -5.17 25.35 -14.78
N SER B 90 -4.70 24.36 -15.55
CA SER B 90 -3.31 24.38 -16.03
C SER B 90 -3.01 25.62 -16.92
N GLU B 91 -3.98 26.03 -17.72
CA GLU B 91 -3.81 27.21 -18.60
C GLU B 91 -3.73 28.46 -17.71
N TYR B 92 -4.63 28.53 -16.75
CA TYR B 92 -4.67 29.64 -15.78
C TYR B 92 -3.35 29.78 -15.03
N LEU B 93 -2.83 28.65 -14.55
CA LEU B 93 -1.54 28.65 -13.88
C LEU B 93 -0.38 29.05 -14.78
N ASP B 94 -0.40 28.69 -16.07
CA ASP B 94 0.61 29.19 -16.98
C ASP B 94 0.53 30.73 -17.10
N GLU B 95 -0.70 31.21 -17.19
CA GLU B 95 -0.95 32.66 -17.43
C GLU B 95 -0.63 33.58 -16.25
N THR B 96 -0.74 33.05 -15.03
CA THR B 96 -0.67 33.85 -13.81
C THR B 96 0.49 33.53 -12.91
N SER B 97 1.26 32.49 -13.20
CA SER B 97 2.27 32.04 -12.21
C SER B 97 3.48 32.97 -12.15
N GLY B 98 3.73 33.76 -13.20
CA GLY B 98 4.76 34.81 -13.18
C GLY B 98 6.11 34.40 -12.67
N ILE B 99 6.58 35.00 -11.57
CA ILE B 99 7.88 34.69 -11.01
C ILE B 99 8.03 33.22 -10.53
N MSE B 100 6.91 32.57 -10.21
CA MSE B 100 6.92 31.19 -9.71
C MSE B 100 7.21 30.17 -10.83
O MSE B 100 7.63 29.05 -10.53
CB MSE B 100 5.60 30.83 -9.07
CG MSE B 100 5.16 31.67 -7.87
SE MSE B 100 6.60 32.08 -6.62
CE MSE B 100 6.68 30.37 -5.67
N LYS B 101 7.05 30.57 -12.11
CA LYS B 101 7.44 29.70 -13.26
C LYS B 101 8.74 30.05 -13.97
N ARG B 102 9.43 31.10 -13.50
CA ARG B 102 10.62 31.63 -14.13
C ARG B 102 11.67 30.53 -14.24
N ASP B 103 12.22 30.36 -15.43
CA ASP B 103 13.29 29.34 -15.64
C ASP B 103 12.82 27.90 -15.48
N ARG B 104 11.53 27.64 -15.27
CA ARG B 104 11.07 26.28 -15.09
C ARG B 104 9.69 26.08 -15.70
N ARG B 105 9.46 26.72 -16.82
CA ARG B 105 8.15 26.75 -17.44
C ARG B 105 7.74 25.37 -18.02
N LEU B 106 6.55 24.92 -17.69
CA LEU B 106 6.05 23.61 -18.09
C LEU B 106 5.18 23.59 -19.40
N LEU B 107 4.80 24.79 -19.87
N LEU B 107 4.78 24.77 -19.85
CA LEU B 107 4.10 25.00 -21.16
CA LEU B 107 4.12 24.87 -21.14
C LEU B 107 4.87 25.99 -22.04
C LEU B 107 5.29 25.33 -22.04
N ALA B 108 5.39 25.51 -23.16
N ALA B 108 5.05 26.04 -23.13
CA ALA B 108 6.20 26.35 -24.03
CA ALA B 108 6.16 26.48 -23.98
C ALA B 108 5.60 27.68 -24.57
C ALA B 108 5.60 27.73 -24.56
N GLU B 109 6.44 28.47 -25.25
CA GLU B 109 6.01 29.70 -25.92
C GLU B 109 5.53 29.43 -27.37
N ASP B 110 6.25 28.59 -28.09
CA ASP B 110 5.95 28.30 -29.49
C ASP B 110 4.57 27.60 -29.66
N PRO B 111 3.72 28.09 -30.57
CA PRO B 111 2.37 27.51 -30.70
C PRO B 111 2.34 26.04 -31.03
N PHE B 112 3.25 25.57 -31.86
CA PHE B 112 3.27 24.13 -32.20
C PHE B 112 3.74 23.27 -31.03
N GLN B 113 4.71 23.74 -30.26
CA GLN B 113 5.14 23.00 -29.08
CA GLN B 113 5.16 23.01 -29.06
C GLN B 113 4.03 23.01 -28.04
N ARG B 114 3.36 24.15 -27.87
CA ARG B 114 2.21 24.21 -26.95
C ARG B 114 1.14 23.20 -27.36
N ALA B 115 0.80 23.18 -28.68
CA ALA B 115 -0.18 22.23 -29.24
C ALA B 115 0.20 20.76 -28.89
N GLU B 116 1.46 20.42 -29.00
CA GLU B 116 1.89 19.04 -28.68
C GLU B 116 1.84 18.72 -27.18
N ILE B 117 2.19 19.67 -26.33
CA ILE B 117 2.07 19.51 -24.86
C ILE B 117 0.60 19.30 -24.50
N ARG B 118 -0.28 20.11 -25.06
CA ARG B 118 -1.73 19.95 -24.86
C ARG B 118 -2.21 18.57 -25.36
N ARG B 119 -1.76 18.18 -26.55
CA ARG B 119 -2.27 16.95 -27.17
C ARG B 119 -1.97 15.76 -26.22
N LEU B 120 -0.77 15.76 -25.68
CA LEU B 120 -0.38 14.68 -24.71
C LEU B 120 -1.11 14.77 -23.37
N THR B 121 -1.34 15.99 -22.87
CA THR B 121 -2.16 16.18 -21.67
C THR B 121 -3.57 15.59 -21.88
N GLU B 122 -4.16 15.86 -23.05
CA GLU B 122 -5.48 15.32 -23.38
C GLU B 122 -5.47 13.82 -23.58
N TRP B 123 -4.39 13.28 -24.13
CA TRP B 123 -4.26 11.85 -24.33
C TRP B 123 -4.40 11.15 -22.96
N PHE B 124 -3.58 11.58 -22.04
CA PHE B 124 -3.54 10.89 -20.72
C PHE B 124 -4.72 11.24 -19.83
N LEU B 125 -5.21 12.47 -19.87
CA LEU B 125 -6.28 12.87 -18.96
C LEU B 125 -7.70 12.79 -19.50
N GLN B 126 -7.83 12.57 -20.81
CA GLN B 126 -9.10 12.32 -21.40
C GLN B 126 -9.21 10.95 -22.05
N LYS B 127 -8.34 10.64 -23.03
CA LYS B 127 -8.45 9.35 -23.70
C LYS B 127 -8.18 8.16 -22.76
N MSE B 128 -7.00 8.11 -22.15
CA MSE B 128 -6.67 7.03 -21.22
C MSE B 128 -7.65 7.03 -20.05
O MSE B 128 -7.99 5.97 -19.50
CB MSE B 128 -5.25 7.11 -20.68
CG MSE B 128 -4.83 5.79 -20.00
SE MSE B 128 -2.99 5.95 -19.33
CE MSE B 128 -2.89 4.11 -18.62
N GLU B 129 -8.11 8.21 -19.67
CA GLU B 129 -9.05 8.29 -18.54
C GLU B 129 -10.40 7.58 -18.85
N ALA B 130 -10.88 7.78 -20.07
CA ALA B 130 -12.11 7.11 -20.52
C ALA B 130 -11.93 5.65 -20.82
N ASP B 131 -10.79 5.30 -21.41
CA ASP B 131 -10.55 3.93 -21.89
C ASP B 131 -10.23 3.03 -20.71
N VAL B 132 -9.59 3.60 -19.71
CA VAL B 132 -9.03 2.79 -18.58
C VAL B 132 -9.37 3.34 -17.17
N THR B 133 -8.88 4.53 -16.86
CA THR B 133 -8.69 4.89 -15.47
C THR B 133 -10.00 5.17 -14.76
N ARG B 134 -10.86 5.98 -15.36
CA ARG B 134 -12.14 6.29 -14.70
C ARG B 134 -13.02 5.04 -14.41
N PRO B 135 -13.27 4.19 -15.42
CA PRO B 135 -14.06 2.99 -15.06
C PRO B 135 -13.39 2.02 -14.06
N LEU B 136 -12.07 1.91 -14.12
N LEU B 136 -12.07 1.91 -14.13
CA LEU B 136 -11.36 1.01 -13.23
CA LEU B 136 -11.34 1.00 -13.25
C LEU B 136 -11.40 1.51 -11.80
C LEU B 136 -11.39 1.51 -11.81
N VAL B 137 -11.14 2.80 -11.63
CA VAL B 137 -11.22 3.43 -10.28
C VAL B 137 -12.65 3.28 -9.70
N ARG B 138 -13.64 3.50 -10.55
CA ARG B 138 -15.02 3.42 -10.07
C ARG B 138 -15.33 2.02 -9.56
N GLU B 139 -14.92 1.00 -10.29
CA GLU B 139 -15.18 -0.35 -9.87
C GLU B 139 -14.36 -0.78 -8.63
N ARG B 140 -13.10 -0.39 -8.59
CA ARG B 140 -12.20 -0.79 -7.49
C ARG B 140 -12.20 0.09 -6.26
N ILE B 141 -12.47 1.36 -6.41
CA ILE B 141 -12.39 2.30 -5.28
C ILE B 141 -13.88 2.59 -4.90
N PHE B 142 -14.55 3.26 -5.83
CA PHE B 142 -15.77 3.97 -5.46
C PHE B 142 -16.96 3.07 -5.13
N LYS B 143 -17.11 1.96 -5.86
CA LYS B 143 -18.20 1.00 -5.60
C LYS B 143 -18.11 0.24 -4.26
N LEU B 144 -16.94 0.29 -3.64
CA LEU B 144 -16.75 -0.23 -2.28
C LEU B 144 -17.21 0.79 -1.26
N GLN B 145 -16.79 2.02 -1.47
CA GLN B 145 -17.10 3.10 -0.56
C GLN B 145 -18.60 3.51 -0.62
N MSE B 146 -19.27 3.24 -1.73
CA MSE B 146 -20.65 3.65 -1.93
C MSE B 146 -21.60 2.72 -1.23
O MSE B 146 -21.35 1.52 -1.16
CB MSE B 146 -21.07 3.61 -3.40
CG MSE B 146 -20.67 4.86 -4.17
SE MSE B 146 -20.93 4.46 -6.08
CE MSE B 146 -19.56 5.52 -6.96
N THR B 147 -22.70 3.28 -0.74
CA THR B 147 -23.82 2.49 -0.22
C THR B 147 -24.64 1.93 -1.41
N PRO B 148 -25.44 0.87 -1.16
CA PRO B 148 -26.29 0.34 -2.23
C PRO B 148 -27.13 1.41 -2.92
N ASP B 149 -27.74 2.30 -2.13
CA ASP B 149 -28.54 3.41 -2.66
C ASP B 149 -27.77 4.40 -3.55
N GLN B 150 -26.47 4.58 -3.25
CA GLN B 150 -25.60 5.45 -4.05
C GLN B 150 -25.10 4.80 -5.36
N GLY B 151 -25.35 3.50 -5.54
CA GLY B 151 -24.87 2.74 -6.71
C GLY B 151 -23.83 1.69 -6.37
N GLY B 152 -23.61 1.45 -5.07
CA GLY B 152 -22.56 0.56 -4.59
C GLY B 152 -22.83 -0.90 -4.87
N GLY B 153 -21.77 -1.69 -4.86
CA GLY B 153 -21.86 -3.14 -4.92
C GLY B 153 -20.51 -3.76 -5.20
N ALA B 154 -20.53 -5.02 -5.63
CA ALA B 154 -19.28 -5.71 -5.99
C ALA B 154 -18.76 -5.12 -7.32
N PRO B 155 -17.44 -5.10 -7.50
CA PRO B 155 -16.92 -4.63 -8.80
C PRO B 155 -17.54 -5.41 -9.96
N ASP B 156 -17.87 -4.71 -11.05
CA ASP B 156 -18.42 -5.34 -12.24
C ASP B 156 -17.28 -5.99 -13.05
N SER B 157 -17.27 -7.33 -13.14
CA SER B 157 -16.14 -8.03 -13.76
C SER B 157 -15.97 -7.65 -15.23
N LYS B 158 -17.06 -7.35 -15.93
CA LYS B 158 -17.01 -7.05 -17.35
C LYS B 158 -16.36 -5.67 -17.61
N ILE B 159 -16.74 -4.70 -16.80
CA ILE B 159 -16.06 -3.38 -16.86
C ILE B 159 -14.58 -3.49 -16.46
N LEU B 160 -14.25 -4.25 -15.42
CA LEU B 160 -12.83 -4.47 -15.09
C LEU B 160 -12.07 -5.04 -16.26
N ARG B 161 -12.64 -6.05 -16.88
CA ARG B 161 -11.95 -6.72 -17.98
C ARG B 161 -11.69 -5.79 -19.15
N THR B 162 -12.71 -5.03 -19.53
CA THR B 162 -12.61 -4.11 -20.65
C THR B 162 -11.53 -3.07 -20.33
N SER B 163 -11.62 -2.45 -19.15
CA SER B 163 -10.67 -1.41 -18.79
C SER B 163 -9.24 -1.91 -18.77
N ARG B 164 -9.04 -3.06 -18.14
CA ARG B 164 -7.72 -3.70 -18.13
C ARG B 164 -7.20 -4.03 -19.52
N SER B 165 -8.05 -4.53 -20.40
CA SER B 165 -7.60 -4.88 -21.74
C SER B 165 -7.12 -3.64 -22.52
N ASN B 166 -7.52 -2.44 -22.08
CA ASN B 166 -7.11 -1.21 -22.78
C ASN B 166 -5.77 -0.61 -22.29
N ILE B 167 -5.25 -1.15 -21.19
CA ILE B 167 -4.06 -0.63 -20.57
C ILE B 167 -2.87 -0.77 -21.48
N ARG B 168 -2.71 -1.92 -22.11
CA ARG B 168 -1.48 -2.16 -22.83
C ARG B 168 -1.24 -1.14 -23.97
N GLN B 169 -2.29 -0.83 -24.69
CA GLN B 169 -2.15 0.13 -25.78
C GLN B 169 -1.59 1.47 -25.30
N HIS B 170 -2.10 1.94 -24.17
CA HIS B 170 -1.63 3.15 -23.52
C HIS B 170 -0.21 3.10 -23.00
N MSE B 171 0.16 2.00 -22.36
CA MSE B 171 1.53 1.78 -21.91
C MSE B 171 2.48 1.68 -23.09
O MSE B 171 3.61 2.17 -23.01
CB MSE B 171 1.63 0.51 -21.05
CG MSE B 171 0.81 0.63 -19.79
SE MSE B 171 1.22 2.18 -18.63
CE MSE B 171 3.17 1.71 -18.42
N LYS B 172 2.06 1.05 -24.17
CA LYS B 172 2.89 0.93 -25.35
C LYS B 172 3.10 2.30 -26.05
N TYR B 173 2.08 3.13 -26.00
CA TYR B 173 2.18 4.47 -26.62
C TYR B 173 3.15 5.28 -25.79
N LEU B 174 3.00 5.20 -24.48
CA LEU B 174 3.92 5.86 -23.56
C LEU B 174 5.39 5.39 -23.72
N SER B 175 5.59 4.07 -23.78
CA SER B 175 6.92 3.52 -24.09
C SER B 175 7.47 4.09 -25.39
N TRP B 176 6.61 4.19 -26.39
CA TRP B 176 7.06 4.71 -27.69
C TRP B 176 7.51 6.16 -27.56
N LEU B 177 6.69 6.98 -26.91
CA LEU B 177 7.01 8.39 -26.69
C LEU B 177 8.30 8.53 -25.90
N ALA B 178 8.39 7.79 -24.82
CA ALA B 178 9.53 7.89 -23.93
C ALA B 178 10.83 7.43 -24.56
N GLY B 179 10.74 6.45 -25.44
CA GLY B 179 11.91 5.89 -26.11
C GLY B 179 12.34 6.69 -27.31
N SER B 180 11.52 7.61 -27.78
CA SER B 180 11.84 8.32 -29.01
C SER B 180 12.17 9.82 -28.85
N ARG B 181 11.97 10.34 -27.65
CA ARG B 181 12.17 11.74 -27.27
C ARG B 181 12.76 11.84 -25.86
N PRO B 182 13.39 12.96 -25.53
CA PRO B 182 13.97 13.08 -24.19
C PRO B 182 12.91 13.18 -23.10
N TRP B 183 11.81 13.88 -23.39
CA TRP B 183 10.62 13.94 -22.51
C TRP B 183 9.41 13.72 -23.45
N LEU B 184 8.19 13.54 -22.94
CA LEU B 184 7.09 13.07 -23.81
C LEU B 184 6.73 14.01 -24.95
N ALA B 185 6.85 15.29 -24.72
CA ALA B 185 6.52 16.31 -25.74
C ALA B 185 7.68 16.81 -26.53
N GLY B 186 8.88 16.34 -26.22
CA GLY B 186 10.06 16.89 -26.85
C GLY B 186 11.24 17.08 -25.91
N ASP B 187 11.89 18.23 -26.04
CA ASP B 187 13.21 18.39 -25.47
C ASP B 187 13.26 18.83 -23.99
N ARG B 188 12.13 19.17 -23.38
CA ARG B 188 12.10 19.45 -21.91
C ARG B 188 10.85 18.95 -21.24
N ILE B 189 10.93 18.82 -19.91
CA ILE B 189 9.78 18.40 -19.15
C ILE B 189 8.62 19.40 -19.38
N SER B 190 7.43 18.87 -19.47
CA SER B 190 6.24 19.69 -19.69
C SER B 190 5.01 19.12 -18.95
N TYR B 191 3.90 19.85 -19.09
CA TYR B 191 2.62 19.30 -18.65
C TYR B 191 2.36 17.88 -19.18
N GLY B 192 2.78 17.57 -20.41
CA GLY B 192 2.60 16.24 -20.99
C GLY B 192 3.14 15.12 -20.07
N ASP B 193 4.37 15.30 -19.61
CA ASP B 193 5.02 14.36 -18.64
C ASP B 193 4.24 14.28 -17.34
N LEU B 194 3.82 15.43 -16.82
CA LEU B 194 3.07 15.49 -15.56
C LEU B 194 1.74 14.80 -15.68
N ALA B 195 1.04 15.00 -16.77
CA ALA B 195 -0.26 14.34 -16.96
C ALA B 195 -0.15 12.82 -17.06
N ALA B 196 0.84 12.35 -17.82
CA ALA B 196 1.04 10.91 -17.94
C ALA B 196 1.40 10.33 -16.58
N ALA B 197 2.29 11.01 -15.89
CA ALA B 197 2.76 10.50 -14.61
C ALA B 197 1.64 10.44 -13.61
N ALA B 198 0.79 11.44 -13.68
CA ALA B 198 -0.35 11.46 -12.78
C ALA B 198 -1.29 10.26 -13.01
N ALA B 199 -1.60 9.98 -14.28
CA ALA B 199 -2.46 8.86 -14.67
C ALA B 199 -1.80 7.51 -14.32
N ILE B 200 -0.50 7.40 -14.64
CA ILE B 200 0.22 6.18 -14.30
C ILE B 200 0.27 5.95 -12.79
N SER B 201 0.44 7.02 -12.01
CA SER B 201 0.57 6.87 -10.55
C SER B 201 -0.68 6.30 -9.93
N VAL B 202 -1.84 6.62 -10.49
CA VAL B 202 -3.12 6.08 -9.98
C VAL B 202 -3.21 4.56 -10.27
N LEU B 203 -2.96 4.21 -11.53
CA LEU B 203 -2.97 2.83 -11.93
C LEU B 203 -1.93 2.03 -11.14
N ASP B 204 -0.75 2.63 -10.91
CA ASP B 204 0.32 1.93 -10.21
C ASP B 204 -0.02 1.74 -8.77
N TYR B 205 -0.66 2.71 -8.13
CA TYR B 205 -1.16 2.55 -6.73
C TYR B 205 -2.01 1.27 -6.65
N LEU B 206 -2.85 1.08 -7.65
CA LEU B 206 -3.76 -0.07 -7.69
C LEU B 206 -3.12 -1.39 -8.17
N GLY B 207 -1.85 -1.34 -8.56
CA GLY B 207 -1.12 -2.50 -9.03
C GLY B 207 -1.54 -3.00 -10.40
N GLU B 208 -2.07 -2.10 -11.23
CA GLU B 208 -2.63 -2.47 -12.51
C GLU B 208 -1.62 -2.46 -13.68
N ILE B 209 -0.41 -2.01 -13.44
CA ILE B 209 0.60 -1.94 -14.51
C ILE B 209 1.63 -3.07 -14.37
N ASP B 210 1.81 -3.85 -15.43
CA ASP B 210 2.91 -4.81 -15.51
C ASP B 210 4.13 -4.14 -16.08
N TRP B 211 5.03 -3.73 -15.19
CA TRP B 211 6.18 -2.95 -15.63
C TRP B 211 7.17 -3.80 -16.43
N SER B 212 7.17 -5.11 -16.25
CA SER B 212 8.08 -5.98 -17.04
C SER B 212 7.74 -5.93 -18.55
N ASP B 213 6.50 -5.56 -18.85
CA ASP B 213 6.04 -5.46 -20.24
C ASP B 213 6.26 -4.05 -20.79
N ALA B 214 6.64 -3.10 -19.93
CA ALA B 214 6.86 -1.70 -20.38
C ALA B 214 8.17 -1.12 -19.80
N PRO B 215 9.28 -1.76 -20.11
CA PRO B 215 10.58 -1.23 -19.61
C PRO B 215 10.96 0.22 -19.95
N THR B 216 10.63 0.65 -21.17
CA THR B 216 11.01 2.01 -21.60
C THR B 216 10.20 3.03 -20.82
N ALA B 217 8.91 2.74 -20.64
CA ALA B 217 8.05 3.61 -19.85
C ALA B 217 8.51 3.60 -18.39
N LYS B 218 9.00 2.46 -17.95
CA LYS B 218 9.51 2.33 -16.57
C LYS B 218 10.68 3.29 -16.27
N GLU B 219 11.60 3.43 -17.23
CA GLU B 219 12.74 4.30 -17.06
C GLU B 219 12.26 5.75 -16.95
N TRP B 220 11.34 6.13 -17.86
CA TRP B 220 10.76 7.47 -17.83
C TRP B 220 10.00 7.77 -16.52
N TYR B 221 9.20 6.79 -16.05
CA TYR B 221 8.41 7.01 -14.83
C TYR B 221 9.28 7.11 -13.58
N GLN B 222 10.36 6.35 -13.56
CA GLN B 222 11.30 6.44 -12.47
C GLN B 222 11.86 7.86 -12.34
N ARG B 223 12.10 8.54 -13.46
CA ARG B 223 12.50 9.92 -13.45
C ARG B 223 11.42 10.83 -12.92
N LEU B 224 10.18 10.67 -13.33
CA LEU B 224 9.12 11.54 -12.79
C LEU B 224 8.85 11.27 -11.28
N LYS B 225 8.74 10.00 -10.93
CA LYS B 225 8.38 9.66 -9.54
C LYS B 225 9.43 10.07 -8.53
N SER B 226 10.66 10.29 -9.00
CA SER B 226 11.75 10.74 -8.11
CA SER B 226 11.75 10.75 -8.14
C SER B 226 11.81 12.25 -7.92
N ARG B 227 10.98 13.00 -8.61
CA ARG B 227 11.04 14.45 -8.45
C ARG B 227 10.44 14.84 -7.09
N PRO B 228 10.90 15.95 -6.51
CA PRO B 228 10.31 16.40 -5.24
C PRO B 228 8.81 16.59 -5.26
N SER B 229 8.30 17.08 -6.40
CA SER B 229 6.85 17.34 -6.57
C SER B 229 6.02 16.06 -6.38
N PHE B 230 6.64 14.88 -6.60
CA PHE B 230 5.95 13.61 -6.49
C PHE B 230 5.86 13.12 -5.06
N ARG B 231 6.63 13.72 -4.17
CA ARG B 231 6.72 13.17 -2.79
C ARG B 231 5.35 13.10 -2.10
N PRO B 232 4.54 14.16 -2.15
CA PRO B 232 3.20 14.03 -1.56
C PRO B 232 2.30 12.94 -2.20
N LEU B 233 2.45 12.69 -3.49
CA LEU B 233 1.71 11.63 -4.13
C LEU B 233 2.12 10.24 -3.62
N LEU B 234 3.44 10.05 -3.44
CA LEU B 234 3.92 8.72 -3.01
C LEU B 234 3.62 8.49 -1.52
N ALA B 235 3.45 9.56 -0.75
CA ALA B 235 3.17 9.47 0.70
C ALA B 235 1.68 9.26 0.95
N GLU B 236 0.88 9.64 -0.04
CA GLU B 236 -0.58 9.68 0.04
C GLU B 236 -1.15 8.27 0.15
N ARG B 237 -2.22 8.12 0.93
CA ARG B 237 -2.94 6.89 0.95
C ARG B 237 -4.43 7.14 0.75
N VAL B 238 -5.08 6.20 0.11
CA VAL B 238 -6.49 6.25 -0.14
C VAL B 238 -7.20 5.47 0.94
N ARG B 239 -8.25 6.06 1.52
CA ARG B 239 -9.00 5.41 2.59
CA ARG B 239 -9.02 5.41 2.59
C ARG B 239 -9.50 4.05 2.14
N GLY B 240 -9.17 3.00 2.93
CA GLY B 240 -9.65 1.63 2.66
C GLY B 240 -9.00 0.87 1.49
N VAL B 241 -7.91 1.39 0.94
CA VAL B 241 -7.18 0.68 -0.13
C VAL B 241 -5.71 0.81 0.09
N THR B 242 -5.07 -0.32 0.20
CA THR B 242 -3.63 -0.40 0.36
C THR B 242 -2.95 -0.39 -1.00
N PRO B 243 -1.92 0.43 -1.14
CA PRO B 243 -1.24 0.41 -2.43
C PRO B 243 -0.43 -0.86 -2.62
N VAL B 244 -0.08 -1.12 -3.88
CA VAL B 244 0.89 -2.18 -4.21
C VAL B 244 2.24 -1.87 -3.52
N SER B 245 2.97 -2.92 -3.14
CA SER B 245 4.14 -2.77 -2.26
C SER B 245 5.24 -1.88 -2.85
N HIS B 246 5.42 -1.88 -4.18
CA HIS B 246 6.45 -1.04 -4.81
C HIS B 246 6.03 0.42 -5.07
N TYR B 247 4.80 0.76 -4.68
CA TYR B 247 4.23 2.06 -5.05
C TYR B 247 5.12 3.26 -4.74
N ALA B 248 5.61 3.32 -3.49
CA ALA B 248 6.41 4.44 -3.05
C ALA B 248 7.91 4.26 -3.29
N ASP B 249 8.32 3.12 -3.84
CA ASP B 249 9.75 2.75 -3.97
C ASP B 249 10.38 3.45 -5.18
N LEU B 250 11.42 4.24 -4.95
CA LEU B 250 12.08 4.95 -6.06
C LEU B 250 12.92 3.98 -6.88
N ASP B 251 13.43 2.95 -6.23
CA ASP B 251 14.22 1.93 -6.93
C ASP B 251 13.44 0.66 -7.34
N PHE B 252 12.11 0.70 -7.48
CA PHE B 252 11.27 -0.46 -7.99
C PHE B 252 11.78 -1.05 -9.30
N PHE C 20 -2.81 -0.82 50.80
CA PHE C 20 -3.47 -1.56 49.69
C PHE C 20 -2.41 -2.03 48.68
N GLN C 21 -2.84 -2.75 47.66
CA GLN C 21 -1.91 -3.29 46.71
C GLN C 21 -1.70 -2.29 45.57
N SER C 22 -0.45 -1.80 45.42
CA SER C 22 -0.15 -0.82 44.39
C SER C 22 -0.22 -1.47 43.00
N MSE C 23 -0.53 -0.66 42.01
CA MSE C 23 -0.56 -1.13 40.63
C MSE C 23 0.81 -1.53 40.11
O MSE C 23 1.80 -0.96 40.52
CB MSE C 23 -1.09 0.07 39.83
CG MSE C 23 -2.56 0.34 40.14
SE MSE C 23 -3.23 1.84 39.10
CE MSE C 23 -2.16 1.57 37.51
N PRO C 24 0.87 -2.48 39.17
CA PRO C 24 2.17 -2.71 38.53
C PRO C 24 2.54 -1.68 37.47
N THR C 25 3.79 -1.73 37.04
CA THR C 25 4.35 -0.93 35.93
C THR C 25 4.73 -1.82 34.76
N LEU C 26 4.49 -1.33 33.51
CA LEU C 26 4.93 -2.07 32.36
C LEU C 26 5.75 -1.07 31.46
N TYR C 27 7.02 -1.36 31.30
CA TYR C 27 7.92 -0.69 30.37
C TYR C 27 7.68 -1.29 28.98
N HIS C 28 7.43 -0.45 27.98
CA HIS C 28 6.89 -0.97 26.75
C HIS C 28 7.19 0.06 25.63
N HIS C 29 6.90 -0.36 24.43
CA HIS C 29 6.84 0.57 23.34
C HIS C 29 5.58 0.30 22.50
N PRO C 30 4.89 1.37 22.06
CA PRO C 30 3.68 1.22 21.25
C PRO C 30 3.85 0.33 20.00
N MSE C 31 5.02 0.35 19.40
CA MSE C 31 5.25 -0.37 18.12
C MSE C 31 5.97 -1.69 18.30
O MSE C 31 6.43 -2.27 17.33
CB MSE C 31 5.96 0.52 17.09
CG MSE C 31 5.12 1.75 16.76
SE MSE C 31 3.61 1.33 15.53
CE MSE C 31 2.08 1.16 16.64
N SER C 32 6.00 -2.19 19.55
CA SER C 32 6.46 -3.53 19.94
C SER C 32 5.27 -4.53 20.06
N PRO C 33 5.22 -5.57 19.22
CA PRO C 33 4.11 -6.48 19.30
C PRO C 33 4.08 -7.21 20.63
N ALA C 34 5.27 -7.55 21.08
CA ALA C 34 5.36 -8.24 22.36
C ALA C 34 4.75 -7.34 23.51
N SER C 35 5.03 -6.05 23.46
CA SER C 35 4.47 -5.06 24.41
C SER C 35 2.95 -4.99 24.29
N ARG C 36 2.42 -4.90 23.07
CA ARG C 36 0.97 -4.86 22.87
C ARG C 36 0.31 -6.17 23.37
N PHE C 37 0.97 -7.33 23.17
CA PHE C 37 0.46 -8.59 23.54
C PHE C 37 0.26 -8.60 25.06
N VAL C 38 1.26 -8.13 25.80
CA VAL C 38 1.17 -8.16 27.25
C VAL C 38 0.09 -7.13 27.72
N ARG C 39 0.03 -5.99 27.08
CA ARG C 39 -1.04 -5.03 27.41
C ARG C 39 -2.44 -5.62 27.21
N LEU C 40 -2.64 -6.36 26.13
CA LEU C 40 -3.90 -7.00 25.90
C LEU C 40 -4.24 -7.99 27.02
N ILE C 41 -3.26 -8.79 27.44
CA ILE C 41 -3.53 -9.74 28.50
C ILE C 41 -3.98 -8.98 29.75
N LEU C 42 -3.20 -7.99 30.11
CA LEU C 42 -3.51 -7.19 31.30
C LEU C 42 -4.94 -6.59 31.22
N SER C 43 -5.32 -6.03 30.08
CA SER C 43 -6.65 -5.47 29.94
C SER C 43 -7.75 -6.55 30.00
N GLU C 44 -7.53 -7.69 29.39
CA GLU C 44 -8.50 -8.78 29.31
C GLU C 44 -8.79 -9.29 30.72
N TYR C 45 -7.77 -9.29 31.52
CA TYR C 45 -7.92 -9.77 32.89
C TYR C 45 -8.33 -8.65 33.85
N GLY C 46 -8.41 -7.39 33.41
CA GLY C 46 -8.87 -6.30 34.28
C GLY C 46 -7.81 -5.68 35.17
N TYR C 47 -6.54 -5.86 34.85
CA TYR C 47 -5.47 -5.20 35.56
C TYR C 47 -5.47 -3.72 35.16
N GLN C 48 -5.09 -2.86 36.09
CA GLN C 48 -4.78 -1.47 35.80
C GLN C 48 -3.27 -1.41 35.95
N THR C 49 -2.60 -0.83 34.97
CA THR C 49 -1.14 -0.86 34.90
C THR C 49 -0.63 0.56 34.57
N GLU C 50 0.44 1.00 35.22
CA GLU C 50 1.12 2.21 34.88
C GLU C 50 2.01 1.91 33.67
N LEU C 51 1.75 2.53 32.54
CA LEU C 51 2.57 2.31 31.35
C LEU C 51 3.71 3.33 31.27
N SER C 52 4.90 2.83 30.95
CA SER C 52 6.08 3.70 30.81
C SER C 52 6.85 3.37 29.53
N GLU C 53 6.92 4.34 28.62
CA GLU C 53 7.45 4.06 27.35
C GLU C 53 8.98 4.01 27.40
N GLU C 54 9.57 3.05 26.68
CA GLU C 54 11.03 2.89 26.60
C GLU C 54 11.51 2.78 25.17
N GLN C 55 12.75 3.27 24.97
CA GLN C 55 13.49 3.24 23.72
C GLN C 55 14.75 2.29 23.84
N PRO C 56 14.60 1.02 23.43
CA PRO C 56 15.71 0.01 23.65
C PRO C 56 17.05 0.38 22.97
N TRP C 57 16.98 1.03 21.81
CA TRP C 57 18.19 1.35 21.06
C TRP C 57 19.07 2.32 21.82
N GLU C 58 18.54 2.96 22.85
CA GLU C 58 19.41 3.78 23.66
C GLU C 58 20.51 2.96 24.35
N ASN C 59 20.23 1.69 24.66
CA ASN C 59 21.16 0.85 25.48
C ASN C 59 21.57 1.56 26.74
N ARG C 60 20.60 2.14 27.41
CA ARG C 60 20.87 2.89 28.61
C ARG C 60 21.28 1.92 29.71
N ARG C 61 22.26 2.33 30.50
CA ARG C 61 22.68 1.54 31.65
C ARG C 61 21.53 1.14 32.55
N ASP C 62 20.62 2.06 32.83
CA ASP C 62 19.58 1.75 33.81
C ASP C 62 18.62 0.68 33.25
N PHE C 63 18.31 0.81 31.98
CA PHE C 63 17.37 -0.16 31.35
C PHE C 63 18.02 -1.54 31.23
N LEU C 64 19.30 -1.56 30.83
CA LEU C 64 20.04 -2.83 30.77
C LEU C 64 20.30 -3.47 32.15
N THR C 65 20.31 -2.69 33.22
CA THR C 65 20.39 -3.25 34.55
C THR C 65 19.09 -3.96 34.90
N LEU C 66 17.97 -3.33 34.54
CA LEU C 66 16.66 -3.90 34.76
C LEU C 66 16.48 -5.15 33.89
N ASN C 67 16.90 -5.06 32.63
CA ASN C 67 16.75 -6.16 31.69
C ASN C 67 17.99 -6.32 30.81
N PRO C 68 18.95 -7.14 31.21
CA PRO C 68 20.20 -7.26 30.47
C PRO C 68 20.03 -7.80 29.05
N ALA C 69 18.89 -8.44 28.78
CA ALA C 69 18.57 -8.92 27.47
C ALA C 69 18.18 -7.80 26.52
N GLY C 70 17.80 -6.63 27.05
CA GLY C 70 17.44 -5.47 26.21
C GLY C 70 16.11 -5.61 25.44
N THR C 71 15.27 -6.56 25.87
CA THR C 71 14.01 -6.87 25.25
C THR C 71 12.85 -6.09 25.92
N LEU C 72 11.71 -6.01 25.22
CA LEU C 72 10.49 -5.43 25.76
C LEU C 72 9.38 -6.47 25.68
N PRO C 73 8.37 -6.38 26.54
CA PRO C 73 8.24 -5.40 27.60
C PRO C 73 8.84 -5.94 28.89
N VAL C 74 8.85 -5.08 29.88
CA VAL C 74 9.31 -5.47 31.27
C VAL C 74 8.19 -5.12 32.20
N TYR C 75 7.78 -6.10 33.06
CA TYR C 75 6.66 -5.98 33.96
C TYR C 75 7.14 -6.00 35.38
N VAL C 76 6.81 -5.00 36.15
CA VAL C 76 7.26 -4.96 37.53
C VAL C 76 6.06 -4.74 38.43
N ASP C 77 5.65 -5.75 39.16
CA ASP C 77 4.56 -5.60 40.09
C ASP C 77 5.08 -5.22 41.46
N ASP C 78 4.20 -5.15 42.43
CA ASP C 78 4.59 -4.64 43.73
C ASP C 78 5.62 -5.54 44.43
N SER C 79 5.86 -6.75 43.94
CA SER C 79 7.02 -7.52 44.46
C SER C 79 8.32 -6.80 44.15
N MSE C 80 8.30 -5.86 43.20
CA MSE C 80 9.51 -5.17 42.71
C MSE C 80 10.48 -6.10 42.00
O MSE C 80 11.61 -5.73 41.74
CB MSE C 80 10.24 -4.41 43.84
CG MSE C 80 9.35 -3.37 44.56
SE MSE C 80 8.33 -2.14 43.33
CE MSE C 80 9.89 -1.27 42.49
N ARG C 81 10.04 -7.28 41.58
CA ARG C 81 10.87 -8.19 40.76
C ARG C 81 10.54 -8.05 39.29
N ALA C 82 11.51 -7.66 38.50
CA ALA C 82 11.32 -7.46 37.07
C ALA C 82 11.18 -8.82 36.32
N LEU C 83 10.10 -8.93 35.58
CA LEU C 83 9.81 -9.98 34.65
C LEU C 83 9.96 -9.48 33.20
N CYS C 84 10.80 -10.15 32.42
CA CYS C 84 11.13 -9.61 31.07
C CYS C 84 10.70 -10.50 29.93
N GLY C 85 10.05 -9.91 28.95
CA GLY C 85 9.66 -10.53 27.70
C GLY C 85 8.28 -11.15 27.73
N ALA C 86 7.71 -11.28 26.55
CA ALA C 86 6.35 -11.70 26.43
C ALA C 86 6.09 -13.12 27.02
N THR C 87 7.06 -14.04 26.87
CA THR C 87 6.87 -15.41 27.29
C THR C 87 6.83 -15.48 28.82
N ILE C 88 7.86 -14.95 29.47
CA ILE C 88 7.93 -15.04 30.95
C ILE C 88 6.73 -14.32 31.59
N ILE C 89 6.40 -13.15 31.09
CA ILE C 89 5.33 -12.38 31.69
C ILE C 89 3.98 -13.08 31.50
N SER C 90 3.71 -13.54 30.29
CA SER C 90 2.44 -14.17 29.98
C SER C 90 2.20 -15.46 30.82
N GLU C 91 3.29 -16.21 31.02
CA GLU C 91 3.22 -17.42 31.89
C GLU C 91 2.97 -17.03 33.33
N TYR C 92 3.70 -16.03 33.84
CA TYR C 92 3.50 -15.48 35.21
C TYR C 92 2.06 -15.02 35.43
N LEU C 93 1.52 -14.29 34.46
CA LEU C 93 0.12 -13.87 34.57
C LEU C 93 -0.93 -15.00 34.52
N ASP C 94 -0.65 -16.07 33.80
CA ASP C 94 -1.53 -17.20 33.84
C ASP C 94 -1.50 -17.81 35.22
N GLU C 95 -0.29 -17.86 35.77
CA GLU C 95 -0.06 -18.57 37.05
C GLU C 95 -0.67 -17.83 38.25
N THR C 96 -0.78 -16.51 38.16
CA THR C 96 -1.13 -15.63 39.25
C THR C 96 -2.46 -14.91 39.11
N SER C 97 -3.11 -14.94 37.95
CA SER C 97 -4.32 -14.10 37.74
C SER C 97 -5.59 -14.66 38.42
N GLY C 98 -5.56 -15.92 38.85
CA GLY C 98 -6.60 -16.52 39.66
C GLY C 98 -8.00 -16.27 39.15
N ILE C 99 -8.83 -15.60 39.93
CA ILE C 99 -10.25 -15.46 39.57
C ILE C 99 -10.47 -14.62 38.31
N MSE C 100 -9.50 -13.79 37.97
CA MSE C 100 -9.70 -12.92 36.80
C MSE C 100 -9.75 -13.72 35.51
O MSE C 100 -10.13 -13.16 34.46
CB MSE C 100 -8.58 -11.91 36.75
CG MSE C 100 -8.70 -10.97 37.96
SE MSE C 100 -7.30 -9.69 37.32
CE MSE C 100 -5.90 -10.33 38.51
N LYS C 101 -9.33 -14.98 35.57
CA LYS C 101 -9.43 -15.86 34.42
C LYS C 101 -10.79 -16.57 34.23
N ARG C 102 -11.68 -16.51 35.20
CA ARG C 102 -13.04 -17.02 35.02
C ARG C 102 -13.67 -16.57 33.68
N ASP C 103 -14.07 -17.52 32.86
CA ASP C 103 -14.78 -17.22 31.60
C ASP C 103 -13.92 -16.53 30.55
N ARG C 104 -12.64 -16.28 30.83
CA ARG C 104 -11.80 -15.57 29.87
C ARG C 104 -10.39 -16.18 29.94
N ARG C 105 -10.21 -17.44 30.37
CA ARG C 105 -8.87 -17.94 30.58
CA ARG C 105 -8.89 -18.02 30.56
C ARG C 105 -8.17 -18.09 29.25
N LEU C 106 -7.02 -17.46 29.18
CA LEU C 106 -6.40 -17.26 27.88
C LEU C 106 -5.36 -18.29 27.51
N LEU C 107 -4.95 -19.07 28.50
N LEU C 107 -4.89 -19.04 28.46
CA LEU C 107 -4.08 -20.22 28.33
CA LEU C 107 -4.02 -20.14 28.17
C LEU C 107 -4.77 -21.45 28.94
C LEU C 107 -5.05 -21.28 28.23
N ALA C 108 -5.18 -22.39 28.10
N ALA C 108 -4.73 -22.48 28.66
CA ALA C 108 -5.92 -23.55 28.53
CA ALA C 108 -5.76 -23.52 28.73
C ALA C 108 -5.27 -24.38 29.67
C ALA C 108 -5.17 -24.52 29.61
N GLU C 109 -5.99 -25.38 30.12
CA GLU C 109 -5.48 -26.29 31.08
C GLU C 109 -4.82 -27.51 30.43
N ASP C 110 -5.43 -28.01 29.37
CA ASP C 110 -4.95 -29.20 28.69
C ASP C 110 -3.52 -29.00 28.12
N PRO C 111 -2.59 -29.89 28.38
CA PRO C 111 -1.21 -29.72 27.93
C PRO C 111 -1.04 -29.56 26.42
N PHE C 112 -1.81 -30.30 25.61
CA PHE C 112 -1.74 -30.12 24.15
C PHE C 112 -2.32 -28.82 23.69
N GLN C 113 -3.43 -28.37 24.26
CA GLN C 113 -3.97 -27.04 23.94
C GLN C 113 -2.98 -25.94 24.33
N ARG C 114 -2.38 -26.08 25.51
CA ARG C 114 -1.38 -25.10 25.99
C ARG C 114 -0.21 -25.02 25.03
N ALA C 115 0.27 -26.20 24.60
CA ALA C 115 1.35 -26.27 23.60
C ALA C 115 1.01 -25.56 22.27
N GLU C 116 -0.22 -25.72 21.79
CA GLU C 116 -0.65 -25.08 20.56
C GLU C 116 -0.80 -23.60 20.74
N ILE C 117 -1.33 -23.15 21.87
CA ILE C 117 -1.43 -21.71 22.15
C ILE C 117 -0.04 -21.07 22.17
N ARG C 118 0.89 -21.71 22.90
CA ARG C 118 2.28 -21.25 22.91
C ARG C 118 2.91 -21.23 21.50
N ARG C 119 2.62 -22.26 20.70
CA ARG C 119 3.20 -22.39 19.39
C ARG C 119 2.76 -21.17 18.58
N LEU C 120 1.48 -20.82 18.68
CA LEU C 120 0.96 -19.65 17.89
C LEU C 120 1.53 -18.35 18.41
N THR C 121 1.67 -18.22 19.72
CA THR C 121 2.29 -17.03 20.33
C THR C 121 3.72 -16.84 19.77
N GLU C 122 4.50 -17.92 19.73
CA GLU C 122 5.87 -17.91 19.20
C GLU C 122 5.87 -17.62 17.67
N TRP C 123 4.92 -18.20 16.97
CA TRP C 123 4.78 -17.89 15.56
C TRP C 123 4.72 -16.38 15.30
N PHE C 124 3.77 -15.72 15.90
CA PHE C 124 3.53 -14.31 15.63
C PHE C 124 4.52 -13.38 16.30
N LEU C 125 5.02 -13.73 17.48
CA LEU C 125 5.95 -12.84 18.20
C LEU C 125 7.43 -13.13 17.93
N GLN C 126 7.74 -14.28 17.36
CA GLN C 126 9.12 -14.62 17.01
C GLN C 126 9.35 -14.83 15.51
N LYS C 127 8.58 -15.70 14.87
CA LYS C 127 8.78 -15.93 13.44
C LYS C 127 8.30 -14.74 12.54
N MSE C 128 7.05 -14.32 12.67
CA MSE C 128 6.57 -13.16 11.90
C MSE C 128 7.31 -11.90 12.31
O MSE C 128 7.55 -11.00 11.49
CB MSE C 128 5.09 -12.94 12.09
CG MSE C 128 4.60 -11.94 10.98
SE MSE C 128 2.67 -11.69 11.06
CE MSE C 128 2.59 -10.46 12.44
N GLU C 129 7.71 -11.84 13.58
CA GLU C 129 8.49 -10.70 14.09
C GLU C 129 9.83 -10.60 13.32
N ALA C 130 10.52 -11.71 13.16
CA ALA C 130 11.82 -11.72 12.46
C ALA C 130 11.64 -11.50 10.96
N ASP C 131 10.61 -12.13 10.38
CA ASP C 131 10.39 -12.08 8.91
C ASP C 131 9.87 -10.74 8.43
N VAL C 132 9.07 -10.10 9.25
CA VAL C 132 8.34 -8.91 8.84
C VAL C 132 8.46 -7.74 9.81
N THR C 133 7.97 -7.92 11.02
CA THR C 133 7.59 -6.77 11.85
C THR C 133 8.73 -6.01 12.48
N ARG C 134 9.70 -6.70 13.07
CA ARG C 134 10.84 -6.04 13.65
C ARG C 134 11.61 -5.20 12.55
N PRO C 135 11.97 -5.84 11.46
CA PRO C 135 12.73 -5.00 10.48
C PRO C 135 11.93 -3.82 9.94
N LEU C 136 10.65 -4.00 9.73
CA LEU C 136 9.82 -2.97 9.14
CA LEU C 136 9.81 -2.95 9.14
C LEU C 136 9.64 -1.79 10.13
N VAL C 137 9.35 -2.10 11.40
CA VAL C 137 9.24 -1.12 12.47
C VAL C 137 10.56 -0.35 12.64
N ARG C 138 11.67 -1.06 12.56
CA ARG C 138 12.98 -0.45 12.77
C ARG C 138 13.17 0.59 11.69
N GLU C 139 12.90 0.20 10.45
CA GLU C 139 13.10 1.09 9.30
C GLU C 139 12.16 2.29 9.30
N ARG C 140 10.88 2.05 9.58
CA ARG C 140 9.86 3.08 9.51
C ARG C 140 9.63 3.91 10.78
N ILE C 141 9.90 3.36 11.96
CA ILE C 141 9.57 4.04 13.23
C ILE C 141 10.86 4.35 14.00
N PHE C 142 11.64 3.32 14.35
CA PHE C 142 12.76 3.52 15.27
C PHE C 142 13.83 4.42 14.62
N LYS C 143 14.03 4.26 13.32
CA LYS C 143 15.00 5.10 12.60
C LYS C 143 14.63 6.58 12.44
N LEU C 144 13.37 6.91 12.74
CA LEU C 144 12.92 8.31 12.88
C LEU C 144 13.29 8.85 14.24
N GLN C 145 12.99 8.07 15.28
CA GLN C 145 13.25 8.48 16.65
C GLN C 145 14.74 8.55 16.97
N MSE C 146 15.55 7.78 16.25
CA MSE C 146 16.99 7.66 16.53
C MSE C 146 17.74 8.81 15.96
O MSE C 146 17.38 9.34 14.92
CB MSE C 146 17.61 6.44 15.86
CG MSE C 146 17.42 5.18 16.68
SE MSE C 146 17.95 3.67 15.53
CE MSE C 146 16.84 2.21 16.22
N THR C 147 18.79 9.20 16.68
CA THR C 147 19.76 10.19 16.18
C THR C 147 20.70 9.50 15.18
N PRO C 148 21.37 10.30 14.32
CA PRO C 148 22.34 9.71 13.38
C PRO C 148 23.33 8.79 14.07
N ASP C 149 23.87 9.23 15.21
CA ASP C 149 24.82 8.45 15.99
C ASP C 149 24.27 7.12 16.53
N GLN C 150 22.97 7.08 16.82
CA GLN C 150 22.29 5.86 17.28
C GLN C 150 21.96 4.87 16.16
N GLY C 151 22.15 5.28 14.90
CA GLY C 151 21.80 4.45 13.73
C GLY C 151 20.66 5.00 12.89
N GLY C 152 20.23 6.22 13.21
CA GLY C 152 19.08 6.85 12.58
C GLY C 152 19.37 7.17 11.12
N GLY C 153 18.32 7.27 10.32
CA GLY C 153 18.48 7.63 8.92
C GLY C 153 17.28 7.29 8.10
N ALA C 154 17.47 7.33 6.78
CA ALA C 154 16.38 7.03 5.85
C ALA C 154 16.09 5.53 5.88
N PRO C 155 14.84 5.13 5.68
CA PRO C 155 14.55 3.70 5.65
C PRO C 155 15.35 3.00 4.55
N ASP C 156 15.82 1.80 4.83
CA ASP C 156 16.53 1.00 3.84
C ASP C 156 15.53 0.32 2.89
N SER C 157 15.52 0.71 1.60
CA SER C 157 14.50 0.21 0.66
C SER C 157 14.54 -1.30 0.45
N LYS C 158 15.74 -1.88 0.53
CA LYS C 158 15.90 -3.30 0.35
C LYS C 158 15.29 -4.09 1.51
N ILE C 159 15.56 -3.64 2.72
CA ILE C 159 14.93 -4.27 3.92
C ILE C 159 13.40 -4.11 3.87
N LEU C 160 12.89 -2.95 3.48
CA LEU C 160 11.47 -2.79 3.31
C LEU C 160 10.91 -3.78 2.33
N ARG C 161 11.57 -3.95 1.18
CA ARG C 161 11.09 -4.87 0.19
C ARG C 161 11.02 -6.33 0.68
N THR C 162 12.08 -6.77 1.34
CA THR C 162 12.14 -8.13 1.84
C THR C 162 11.01 -8.34 2.83
N SER C 163 10.89 -7.42 3.79
CA SER C 163 9.92 -7.55 4.86
C SER C 163 8.51 -7.60 4.29
N ARG C 164 8.24 -6.71 3.34
CA ARG C 164 6.92 -6.70 2.69
C ARG C 164 6.61 -7.91 1.87
N SER C 165 7.61 -8.46 1.19
CA SER C 165 7.41 -9.68 0.44
C SER C 165 7.07 -10.90 1.35
N ASN C 166 7.41 -10.84 2.63
CA ASN C 166 7.12 -11.92 3.54
C ASN C 166 5.72 -11.85 4.18
N ILE C 167 5.00 -10.76 3.94
CA ILE C 167 3.72 -10.56 4.61
C ILE C 167 2.69 -11.54 4.06
N ARG C 168 2.68 -11.75 2.75
CA ARG C 168 1.61 -12.56 2.17
C ARG C 168 1.52 -13.98 2.76
N GLN C 169 2.67 -14.64 2.94
CA GLN C 169 2.65 -15.99 3.50
C GLN C 169 2.03 -16.00 4.89
N HIS C 170 2.33 -14.97 5.69
CA HIS C 170 1.82 -14.83 7.03
C HIS C 170 0.33 -14.60 7.05
N MSE C 171 -0.17 -13.75 6.14
CA MSE C 171 -1.59 -13.49 6.00
C MSE C 171 -2.30 -14.73 5.52
O MSE C 171 -3.43 -14.99 5.92
CB MSE C 171 -1.83 -12.29 5.04
CG MSE C 171 -1.28 -10.98 5.59
SE MSE C 171 -2.21 -10.50 7.30
CE MSE C 171 -3.98 -10.38 6.76
N LYS C 172 -1.71 -15.51 4.63
CA LYS C 172 -2.33 -16.75 4.16
C LYS C 172 -2.49 -17.76 5.30
N TYR C 173 -1.46 -17.83 6.14
CA TYR C 173 -1.46 -18.72 7.28
C TYR C 173 -2.57 -18.31 8.26
N LEU C 174 -2.61 -17.03 8.58
CA LEU C 174 -3.61 -16.48 9.42
C LEU C 174 -5.04 -16.79 8.89
N SER C 175 -5.27 -16.56 7.60
CA SER C 175 -6.54 -16.87 6.95
C SER C 175 -6.93 -18.37 7.03
N TRP C 176 -5.92 -19.25 6.93
CA TRP C 176 -6.11 -20.66 7.07
C TRP C 176 -6.49 -21.06 8.52
N LEU C 177 -5.77 -20.51 9.50
CA LEU C 177 -6.04 -20.77 10.93
C LEU C 177 -7.47 -20.32 11.25
N ALA C 178 -7.81 -19.14 10.81
CA ALA C 178 -9.10 -18.49 11.05
C ALA C 178 -10.27 -19.12 10.13
N GLY C 179 -10.05 -20.20 9.36
CA GLY C 179 -10.95 -20.60 8.28
C GLY C 179 -12.15 -21.48 8.68
N SER C 180 -11.95 -22.49 9.52
CA SER C 180 -13.14 -23.22 10.00
C SER C 180 -13.28 -23.27 11.55
N ARG C 181 -12.29 -22.64 12.20
CA ARG C 181 -12.29 -22.24 13.64
C ARG C 181 -12.43 -20.68 13.80
N PRO C 182 -13.21 -20.23 14.79
CA PRO C 182 -13.40 -18.79 15.02
C PRO C 182 -12.17 -18.13 15.58
N TRP C 183 -11.42 -18.87 16.39
CA TRP C 183 -10.21 -18.39 17.09
C TRP C 183 -9.04 -19.24 16.64
N LEU C 184 -7.85 -18.66 16.73
CA LEU C 184 -6.68 -19.29 16.11
C LEU C 184 -6.29 -20.66 16.65
N ALA C 185 -6.54 -20.88 17.94
CA ALA C 185 -6.17 -22.15 18.58
C ALA C 185 -7.41 -23.00 18.77
N GLY C 186 -8.58 -22.62 18.21
CA GLY C 186 -9.82 -23.39 18.40
C GLY C 186 -11.09 -22.57 18.63
N ASP C 187 -11.86 -22.96 19.64
CA ASP C 187 -13.21 -22.45 19.91
C ASP C 187 -13.33 -21.39 20.99
N ARG C 188 -12.21 -21.04 21.65
CA ARG C 188 -12.16 -19.88 22.50
C ARG C 188 -10.93 -19.00 22.25
N ILE C 189 -11.10 -17.73 22.59
CA ILE C 189 -9.98 -16.78 22.58
C ILE C 189 -8.81 -17.26 23.48
N SER C 190 -7.60 -17.02 23.03
CA SER C 190 -6.39 -17.38 23.72
C SER C 190 -5.28 -16.39 23.53
N TYR C 191 -4.18 -16.62 24.22
CA TYR C 191 -2.91 -15.89 23.90
C TYR C 191 -2.53 -15.89 22.43
N GLY C 192 -2.86 -16.96 21.71
CA GLY C 192 -2.54 -17.02 20.28
C GLY C 192 -3.20 -15.92 19.49
N ASP C 193 -4.49 -15.70 19.75
CA ASP C 193 -5.19 -14.57 19.15
C ASP C 193 -4.59 -13.23 19.52
N LEU C 194 -4.27 -13.04 20.80
CA LEU C 194 -3.77 -11.77 21.29
C LEU C 194 -2.40 -11.49 20.71
N ALA C 195 -1.58 -12.51 20.53
CA ALA C 195 -0.26 -12.33 19.95
C ALA C 195 -0.35 -11.94 18.51
N ALA C 196 -1.15 -12.68 17.74
CA ALA C 196 -1.37 -12.37 16.33
C ALA C 196 -1.97 -10.95 16.18
N ALA C 197 -3.00 -10.64 16.97
CA ALA C 197 -3.65 -9.33 16.85
C ALA C 197 -2.71 -8.17 17.24
N ALA C 198 -1.86 -8.38 18.22
CA ALA C 198 -0.86 -7.41 18.62
C ALA C 198 0.05 -7.09 17.44
N ALA C 199 0.57 -8.14 16.81
CA ALA C 199 1.51 -8.00 15.71
C ALA C 199 0.80 -7.37 14.51
N ILE C 200 -0.39 -7.87 14.19
CA ILE C 200 -1.18 -7.30 13.09
C ILE C 200 -1.48 -5.82 13.31
N SER C 201 -1.81 -5.45 14.55
CA SER C 201 -2.15 -4.07 14.87
C SER C 201 -1.02 -3.08 14.62
N VAL C 202 0.23 -3.51 14.81
CA VAL C 202 1.38 -2.69 14.53
C VAL C 202 1.49 -2.48 13.01
N LEU C 203 1.41 -3.59 12.27
CA LEU C 203 1.49 -3.51 10.78
C LEU C 203 0.33 -2.71 10.24
N ASP C 204 -0.87 -2.85 10.84
CA ASP C 204 -2.06 -2.17 10.34
C ASP C 204 -1.98 -0.67 10.61
N TYR C 205 -1.45 -0.28 11.77
CA TYR C 205 -1.16 1.15 12.09
C TYR C 205 -0.34 1.75 10.96
N LEU C 206 0.66 0.99 10.55
CA LEU C 206 1.56 1.41 9.44
C LEU C 206 1.01 1.27 8.03
N GLY C 207 -0.19 0.71 7.89
CA GLY C 207 -0.83 0.57 6.60
C GLY C 207 -0.21 -0.54 5.72
N GLU C 208 0.45 -1.52 6.35
CA GLU C 208 1.20 -2.55 5.66
C GLU C 208 0.36 -3.75 5.29
N ILE C 209 -0.89 -3.82 5.71
CA ILE C 209 -1.74 -5.02 5.50
C ILE C 209 -2.85 -4.70 4.49
N ASP C 210 -2.85 -5.44 3.41
CA ASP C 210 -3.93 -5.36 2.41
C ASP C 210 -5.02 -6.38 2.75
N TRP C 211 -6.07 -5.89 3.35
CA TRP C 211 -7.19 -6.73 3.82
C TRP C 211 -8.11 -7.26 2.69
N SER C 212 -8.02 -6.66 1.50
CA SER C 212 -8.89 -7.00 0.38
C SER C 212 -8.66 -8.44 -0.12
N ASP C 213 -7.47 -8.97 0.14
CA ASP C 213 -7.14 -10.31 -0.31
C ASP C 213 -7.46 -11.33 0.81
N ALA C 214 -7.73 -10.88 2.03
CA ALA C 214 -7.70 -11.76 3.21
C ALA C 214 -9.02 -11.67 4.02
N PRO C 215 -10.15 -11.98 3.40
CA PRO C 215 -11.45 -11.73 4.05
C PRO C 215 -11.66 -12.57 5.31
N THR C 216 -11.12 -13.77 5.32
N THR C 216 -11.15 -13.79 5.34
CA THR C 216 -11.21 -14.63 6.49
CA THR C 216 -11.27 -14.59 6.58
C THR C 216 -10.39 -14.07 7.66
C THR C 216 -10.40 -14.03 7.69
N ALA C 217 -9.17 -13.62 7.39
CA ALA C 217 -8.34 -13.01 8.42
C ALA C 217 -8.97 -11.69 8.92
N LYS C 218 -9.61 -10.98 8.01
CA LYS C 218 -10.29 -9.73 8.39
C LYS C 218 -11.43 -9.95 9.40
N GLU C 219 -12.23 -11.00 9.20
CA GLU C 219 -13.35 -11.36 10.11
C GLU C 219 -12.79 -11.68 11.47
N TRP C 220 -11.70 -12.43 11.46
CA TRP C 220 -11.06 -12.80 12.69
C TRP C 220 -10.52 -11.54 13.44
N TYR C 221 -9.83 -10.68 12.73
CA TYR C 221 -9.24 -9.52 13.35
C TYR C 221 -10.33 -8.60 13.93
N GLN C 222 -11.46 -8.49 13.24
CA GLN C 222 -12.58 -7.70 13.78
C GLN C 222 -13.04 -8.25 15.15
N ARG C 223 -12.98 -9.57 15.35
CA ARG C 223 -13.32 -10.18 16.66
C ARG C 223 -12.35 -9.66 17.68
N LEU C 224 -11.13 -9.31 17.27
CA LEU C 224 -10.21 -8.79 18.25
C LEU C 224 -10.27 -7.27 18.43
N LYS C 225 -10.27 -6.53 17.33
CA LYS C 225 -10.14 -5.06 17.40
C LYS C 225 -11.36 -4.37 18.02
N SER C 226 -12.48 -5.09 18.07
CA SER C 226 -13.70 -4.59 18.71
C SER C 226 -13.81 -4.90 20.22
N ARG C 227 -12.88 -5.62 20.78
CA ARG C 227 -12.93 -5.91 22.19
C ARG C 227 -12.55 -4.67 23.00
N PRO C 228 -13.04 -4.55 24.23
CA PRO C 228 -12.62 -3.43 25.09
C PRO C 228 -11.12 -3.34 25.34
N SER C 229 -10.45 -4.49 25.42
CA SER C 229 -9.00 -4.55 25.61
C SER C 229 -8.21 -3.84 24.49
N PHE C 230 -8.81 -3.75 23.31
CA PHE C 230 -8.16 -3.17 22.17
C PHE C 230 -8.30 -1.62 22.13
N ARG C 231 -9.19 -1.04 22.92
CA ARG C 231 -9.45 0.37 22.86
C ARG C 231 -8.21 1.25 23.05
N PRO C 232 -7.39 0.97 24.06
CA PRO C 232 -6.19 1.80 24.20
C PRO C 232 -5.20 1.66 23.04
N LEU C 233 -5.17 0.50 22.38
CA LEU C 233 -4.31 0.34 21.22
CA LEU C 233 -4.31 0.34 21.21
C LEU C 233 -4.82 1.16 20.05
N LEU C 234 -6.13 1.17 19.85
CA LEU C 234 -6.72 1.96 18.77
C LEU C 234 -6.64 3.48 19.00
N ALA C 235 -6.61 3.92 20.25
CA ALA C 235 -6.56 5.33 20.61
C ALA C 235 -5.11 5.86 20.54
N GLU C 236 -4.15 4.95 20.60
CA GLU C 236 -2.72 5.23 20.73
C GLU C 236 -2.19 5.91 19.46
N ARG C 237 -1.26 6.87 19.62
CA ARG C 237 -0.61 7.51 18.44
C ARG C 237 0.90 7.65 18.66
N VAL C 238 1.65 7.38 17.60
CA VAL C 238 3.09 7.40 17.62
C VAL C 238 3.56 8.73 17.08
N ARG C 239 4.46 9.39 17.82
CA ARG C 239 4.91 10.74 17.43
C ARG C 239 5.49 10.72 16.03
N GLY C 240 5.00 11.58 15.15
CA GLY C 240 5.53 11.70 13.79
C GLY C 240 5.15 10.62 12.78
N VAL C 241 4.21 9.76 13.16
CA VAL C 241 3.67 8.77 12.23
C VAL C 241 2.16 8.68 12.40
N THR C 242 1.45 9.12 11.38
CA THR C 242 0.00 9.15 11.39
C THR C 242 -0.48 7.75 10.99
N PRO C 243 -1.41 7.17 11.75
CA PRO C 243 -1.89 5.86 11.36
C PRO C 243 -2.73 5.89 10.10
N VAL C 244 -2.84 4.75 9.46
CA VAL C 244 -3.70 4.67 8.23
C VAL C 244 -5.14 5.01 8.62
N SER C 245 -5.92 5.58 7.69
CA SER C 245 -7.25 6.13 8.05
C SER C 245 -8.20 5.09 8.68
N HIS C 246 -8.16 3.83 8.25
CA HIS C 246 -9.07 2.80 8.80
C HIS C 246 -8.58 2.23 10.13
N TYR C 247 -7.43 2.67 10.62
CA TYR C 247 -6.77 1.99 11.77
C TYR C 247 -7.69 1.84 12.99
N ALA C 248 -8.34 2.92 13.39
CA ALA C 248 -9.21 2.91 14.56
C ALA C 248 -10.68 2.55 14.25
N ASP C 249 -11.01 2.32 12.99
CA ASP C 249 -12.41 2.03 12.56
C ASP C 249 -12.80 0.59 12.81
N LEU C 250 -13.86 0.38 13.58
CA LEU C 250 -14.33 -0.98 13.86
C LEU C 250 -15.01 -1.61 12.65
N ASP C 251 -15.56 -0.77 11.79
CA ASP C 251 -15.96 -1.18 10.45
C ASP C 251 -14.90 -0.69 9.47
N PHE C 252 -14.12 -1.59 8.89
CA PHE C 252 -13.17 -1.15 7.88
C PHE C 252 -13.35 -2.08 6.72
N PHE D 20 4.61 -53.10 26.80
CA PHE D 20 5.49 -52.20 25.95
C PHE D 20 4.95 -50.76 25.81
N GLN D 21 5.74 -49.72 26.12
CA GLN D 21 5.39 -48.30 25.73
C GLN D 21 6.31 -47.64 24.66
N SER D 22 5.68 -46.97 23.70
CA SER D 22 6.45 -46.47 22.58
C SER D 22 7.39 -45.34 22.99
N MSE D 23 8.62 -45.35 22.49
CA MSE D 23 9.50 -44.21 22.61
C MSE D 23 9.00 -43.02 21.81
O MSE D 23 8.53 -43.19 20.71
CB MSE D 23 10.82 -44.63 21.97
CG MSE D 23 11.60 -45.61 22.83
SE MSE D 23 13.34 -46.01 21.93
CE MSE D 23 12.70 -47.04 20.36
N PRO D 24 9.05 -41.83 22.39
CA PRO D 24 8.76 -40.67 21.53
C PRO D 24 9.87 -40.47 20.54
N THR D 25 9.58 -39.75 19.48
CA THR D 25 10.55 -39.41 18.53
C THR D 25 10.94 -37.94 18.77
N LEU D 26 12.24 -37.67 18.76
CA LEU D 26 12.75 -36.31 18.87
C LEU D 26 13.56 -35.98 17.62
N TYR D 27 13.04 -35.08 16.83
CA TYR D 27 13.77 -34.53 15.69
C TYR D 27 14.76 -33.51 16.23
N HIS D 28 16.03 -33.67 15.90
CA HIS D 28 17.09 -32.88 16.57
C HIS D 28 18.31 -32.76 15.68
N HIS D 29 19.27 -31.92 16.12
CA HIS D 29 20.59 -31.91 15.54
C HIS D 29 21.61 -31.91 16.69
N PRO D 30 22.65 -32.73 16.61
CA PRO D 30 23.68 -32.76 17.64
C PRO D 30 24.27 -31.41 18.06
N MSE D 31 24.37 -30.48 17.13
CA MSE D 31 25.00 -29.16 17.41
C MSE D 31 24.00 -28.06 17.68
O MSE D 31 24.37 -26.87 17.64
CB MSE D 31 26.01 -28.81 16.31
CG MSE D 31 27.09 -29.84 16.20
SE MSE D 31 28.42 -29.65 17.67
CE MSE D 31 28.02 -30.92 18.98
N SER D 32 22.75 -28.44 17.99
CA SER D 32 21.68 -27.56 18.44
C SER D 32 21.59 -27.56 19.96
N PRO D 33 21.97 -26.45 20.62
CA PRO D 33 21.79 -26.40 22.06
C PRO D 33 20.35 -26.69 22.52
N ALA D 34 19.36 -26.18 21.79
CA ALA D 34 17.96 -26.39 22.17
C ALA D 34 17.59 -27.92 22.14
N SER D 35 18.17 -28.63 21.17
CA SER D 35 18.01 -30.07 20.99
C SER D 35 18.68 -30.80 22.14
N ARG D 36 19.91 -30.41 22.47
CA ARG D 36 20.61 -31.07 23.61
C ARG D 36 19.93 -30.81 24.95
N PHE D 37 19.35 -29.63 25.12
CA PHE D 37 18.63 -29.27 26.33
C PHE D 37 17.45 -30.22 26.53
N VAL D 38 16.67 -30.42 25.49
CA VAL D 38 15.53 -31.34 25.55
C VAL D 38 15.98 -32.79 25.78
N ARG D 39 17.06 -33.22 25.14
CA ARG D 39 17.59 -34.54 25.37
C ARG D 39 17.96 -34.73 26.82
N LEU D 40 18.59 -33.71 27.42
CA LEU D 40 18.89 -33.79 28.85
C LEU D 40 17.67 -33.96 29.75
N ILE D 41 16.66 -33.19 29.50
CA ILE D 41 15.43 -33.27 30.31
C ILE D 41 14.84 -34.71 30.19
N LEU D 42 14.73 -35.17 28.96
CA LEU D 42 14.22 -36.55 28.70
C LEU D 42 15.02 -37.60 29.43
N SER D 43 16.36 -37.51 29.40
CA SER D 43 17.18 -38.47 30.15
C SER D 43 17.01 -38.35 31.65
N GLU D 44 17.01 -37.15 32.18
CA GLU D 44 16.83 -36.92 33.62
C GLU D 44 15.56 -37.56 34.14
N TYR D 45 14.52 -37.49 33.33
CA TYR D 45 13.21 -37.99 33.72
C TYR D 45 12.98 -39.47 33.29
N GLY D 46 13.98 -40.10 32.69
CA GLY D 46 13.94 -41.52 32.44
C GLY D 46 13.19 -41.94 31.20
N TYR D 47 12.96 -40.99 30.29
CA TYR D 47 12.40 -41.33 29.02
C TYR D 47 13.46 -41.98 28.13
N GLN D 48 13.06 -42.90 27.27
CA GLN D 48 13.94 -43.49 26.25
C GLN D 48 13.36 -42.90 24.99
N THR D 49 14.20 -42.26 24.20
CA THR D 49 13.74 -41.45 23.08
C THR D 49 14.41 -41.89 21.78
N GLU D 50 13.65 -41.89 20.69
CA GLU D 50 14.16 -42.26 19.42
C GLU D 50 14.59 -40.96 18.73
N LEU D 51 15.89 -40.83 18.48
CA LEU D 51 16.44 -39.59 17.92
C LEU D 51 16.49 -39.64 16.38
N SER D 52 15.92 -38.62 15.73
CA SER D 52 15.89 -38.49 14.27
C SER D 52 16.59 -37.19 13.84
N GLU D 53 17.75 -37.34 13.20
CA GLU D 53 18.58 -36.20 12.94
C GLU D 53 17.94 -35.45 11.78
N GLU D 54 17.81 -34.14 11.94
CA GLU D 54 17.15 -33.28 10.95
C GLU D 54 18.12 -32.14 10.61
N GLN D 55 18.11 -31.82 9.32
CA GLN D 55 18.90 -30.69 8.77
C GLN D 55 17.88 -29.67 8.31
N PRO D 56 17.62 -28.66 9.13
CA PRO D 56 16.54 -27.70 8.82
C PRO D 56 16.69 -26.99 7.44
N TRP D 57 17.94 -26.73 7.06
CA TRP D 57 18.21 -26.03 5.81
C TRP D 57 17.74 -26.81 4.58
N GLU D 58 17.47 -28.11 4.73
CA GLU D 58 16.89 -28.86 3.62
C GLU D 58 15.44 -28.51 3.32
N ASN D 59 14.73 -27.87 4.26
CA ASN D 59 13.29 -27.56 4.10
C ASN D 59 12.49 -28.79 3.72
N ARG D 60 12.74 -29.89 4.44
CA ARG D 60 12.07 -31.16 4.15
C ARG D 60 10.55 -30.90 4.34
N ARG D 61 9.75 -31.14 3.31
CA ARG D 61 8.31 -30.87 3.33
C ARG D 61 7.60 -31.55 4.51
N ASP D 62 7.95 -32.81 4.79
CA ASP D 62 7.28 -33.52 5.88
C ASP D 62 7.69 -32.94 7.25
N PHE D 63 8.91 -32.45 7.36
CA PHE D 63 9.34 -31.77 8.60
C PHE D 63 8.61 -30.44 8.79
N LEU D 64 8.53 -29.66 7.71
CA LEU D 64 7.77 -28.40 7.76
C LEU D 64 6.25 -28.58 7.99
N THR D 65 5.70 -29.72 7.61
CA THR D 65 4.34 -30.06 7.98
C THR D 65 4.18 -30.26 9.48
N LEU D 66 5.14 -30.90 10.10
CA LEU D 66 5.11 -31.04 11.57
C LEU D 66 5.35 -29.74 12.27
N ASN D 67 6.33 -28.98 11.78
CA ASN D 67 6.71 -27.72 12.36
C ASN D 67 6.94 -26.65 11.28
N PRO D 68 5.92 -25.83 11.00
CA PRO D 68 6.12 -24.85 9.87
C PRO D 68 7.17 -23.80 10.16
N ALA D 69 7.52 -23.62 11.43
CA ALA D 69 8.59 -22.71 11.81
C ALA D 69 9.99 -23.24 11.45
N GLY D 70 10.12 -24.54 11.22
CA GLY D 70 11.42 -25.15 10.82
C GLY D 70 12.51 -25.15 11.91
N THR D 71 12.09 -24.98 13.17
CA THR D 71 12.99 -24.90 14.30
C THR D 71 13.18 -26.30 14.92
N LEU D 72 14.23 -26.44 15.72
CA LEU D 72 14.51 -27.70 16.48
C LEU D 72 14.56 -27.46 17.97
N PRO D 73 14.28 -28.50 18.76
CA PRO D 73 13.85 -29.81 18.31
C PRO D 73 12.34 -29.89 18.18
N VAL D 74 11.85 -31.04 17.72
CA VAL D 74 10.44 -31.31 17.61
C VAL D 74 10.15 -32.69 18.22
N TYR D 75 9.20 -32.75 19.14
CA TYR D 75 8.93 -33.93 19.95
C TYR D 75 7.59 -34.49 19.56
N VAL D 76 7.55 -35.77 19.26
CA VAL D 76 6.31 -36.42 18.86
C VAL D 76 6.13 -37.69 19.67
N ASP D 77 5.21 -37.66 20.65
CA ASP D 77 4.96 -38.85 21.43
C ASP D 77 3.78 -39.62 20.86
N ASP D 78 3.28 -40.58 21.63
CA ASP D 78 2.12 -41.42 21.28
C ASP D 78 0.91 -40.64 20.76
N SER D 79 0.76 -39.43 21.26
CA SER D 79 -0.37 -38.60 20.83
C SER D 79 -0.30 -38.24 19.35
N MSE D 80 0.87 -38.36 18.73
CA MSE D 80 1.09 -37.87 17.34
C MSE D 80 0.97 -36.39 17.16
O MSE D 80 0.91 -35.90 16.03
CB MSE D 80 0.19 -38.58 16.31
CG MSE D 80 0.44 -40.07 16.19
SE MSE D 80 2.26 -40.17 15.40
CE MSE D 80 2.07 -39.72 13.50
N ARG D 81 1.00 -35.60 18.24
CA ARG D 81 0.91 -34.14 18.14
C ARG D 81 2.29 -33.54 18.31
N ALA D 82 2.78 -32.86 17.27
CA ALA D 82 4.13 -32.32 17.28
C ALA D 82 4.25 -31.11 18.18
N LEU D 83 5.19 -31.20 19.11
CA LEU D 83 5.54 -30.14 20.04
C LEU D 83 6.85 -29.51 19.56
N CYS D 84 6.75 -28.19 19.28
CA CYS D 84 7.78 -27.47 18.54
C CYS D 84 8.64 -26.51 19.39
N GLY D 85 9.92 -26.83 19.56
CA GLY D 85 10.90 -25.95 20.22
C GLY D 85 11.16 -26.26 21.68
N ALA D 86 12.30 -25.83 22.19
CA ALA D 86 12.75 -26.12 23.53
C ALA D 86 11.77 -25.64 24.61
N THR D 87 11.28 -24.43 24.47
CA THR D 87 10.40 -23.86 25.47
C THR D 87 9.11 -24.69 25.57
N ILE D 88 8.40 -24.89 24.46
CA ILE D 88 7.14 -25.59 24.45
C ILE D 88 7.31 -27.04 24.99
N ILE D 89 8.39 -27.70 24.54
CA ILE D 89 8.61 -29.08 24.95
C ILE D 89 8.94 -29.17 26.42
N SER D 90 9.83 -28.28 26.89
CA SER D 90 10.19 -28.27 28.30
C SER D 90 8.98 -28.00 29.23
N GLU D 91 8.10 -27.11 28.85
CA GLU D 91 6.88 -26.82 29.62
C GLU D 91 5.95 -28.06 29.65
N TYR D 92 5.81 -28.70 28.49
CA TYR D 92 4.99 -29.89 28.35
C TYR D 92 5.50 -31.01 29.25
N LEU D 93 6.82 -31.20 29.25
CA LEU D 93 7.40 -32.24 30.13
C LEU D 93 7.21 -31.95 31.59
N ASP D 94 7.20 -30.69 32.01
CA ASP D 94 6.93 -30.38 33.40
C ASP D 94 5.47 -30.73 33.75
N GLU D 95 4.59 -30.37 32.84
CA GLU D 95 3.15 -30.53 33.03
C GLU D 95 2.72 -32.00 33.09
N THR D 96 3.45 -32.85 32.38
CA THR D 96 3.07 -34.25 32.22
C THR D 96 4.00 -35.24 32.92
N SER D 97 5.08 -34.77 33.53
CA SER D 97 6.02 -35.63 34.29
CA SER D 97 5.97 -35.63 34.33
C SER D 97 6.59 -34.82 35.48
N GLY D 98 7.00 -33.61 35.21
CA GLY D 98 7.67 -32.72 36.24
C GLY D 98 6.96 -32.50 37.58
N ILE D 99 5.65 -32.32 37.49
CA ILE D 99 4.82 -32.07 38.67
C ILE D 99 4.83 -33.26 39.66
N MSE D 100 5.15 -34.47 39.20
CA MSE D 100 5.26 -35.68 40.06
C MSE D 100 6.58 -35.86 40.78
O MSE D 100 6.65 -36.58 41.79
CB MSE D 100 5.14 -36.95 39.23
CG MSE D 100 3.76 -37.11 38.63
SE MSE D 100 4.06 -37.72 36.78
CE MSE D 100 5.23 -39.29 37.01
N LYS D 101 7.61 -35.17 40.32
CA LYS D 101 8.99 -35.50 40.64
C LYS D 101 9.45 -34.97 42.02
N ARG D 102 8.62 -34.16 42.68
CA ARG D 102 8.94 -33.59 44.00
C ARG D 102 10.38 -33.02 44.04
N ASP D 103 11.29 -33.56 44.87
CA ASP D 103 12.65 -32.99 44.99
C ASP D 103 13.42 -32.85 43.66
N ARG D 104 13.06 -33.70 42.70
CA ARG D 104 13.82 -33.88 41.48
C ARG D 104 13.12 -33.22 40.26
N ARG D 105 12.11 -32.42 40.57
CA ARG D 105 11.47 -31.59 39.55
C ARG D 105 12.40 -30.49 39.04
N LEU D 106 12.44 -30.30 37.73
CA LEU D 106 13.42 -29.39 37.11
C LEU D 106 12.90 -27.97 36.85
N LEU D 107 11.58 -27.80 36.97
N LEU D 107 11.60 -27.77 36.89
CA LEU D 107 10.92 -26.48 37.02
CA LEU D 107 11.07 -26.45 37.01
C LEU D 107 10.09 -26.32 38.29
C LEU D 107 10.84 -26.26 38.52
N ALA D 108 10.44 -25.38 39.15
N ALA D 108 9.76 -25.64 38.90
CA ALA D 108 9.75 -25.19 40.44
CA ALA D 108 9.56 -25.46 40.34
C ALA D 108 8.20 -24.98 40.41
C ALA D 108 8.20 -24.88 40.40
N GLU D 109 7.60 -24.91 41.59
CA GLU D 109 6.21 -24.55 41.72
C GLU D 109 5.97 -23.04 41.85
N ASP D 110 6.81 -22.36 42.63
CA ASP D 110 6.63 -20.95 42.92
C ASP D 110 6.79 -20.08 41.62
N PRO D 111 5.84 -19.20 41.34
CA PRO D 111 5.93 -18.38 40.12
C PRO D 111 7.21 -17.59 39.98
N PHE D 112 7.71 -16.96 41.05
CA PHE D 112 8.97 -16.24 40.89
C PHE D 112 10.17 -17.15 40.62
N GLN D 113 10.20 -18.32 41.24
CA GLN D 113 11.27 -19.27 40.96
C GLN D 113 11.16 -19.84 39.53
N ARG D 114 9.93 -20.08 39.07
CA ARG D 114 9.69 -20.52 37.69
C ARG D 114 10.16 -19.48 36.70
N ALA D 115 9.86 -18.21 37.01
CA ALA D 115 10.30 -17.08 36.22
C ALA D 115 11.84 -17.00 36.09
N GLU D 116 12.55 -17.22 37.19
CA GLU D 116 14.01 -17.20 37.16
C GLU D 116 14.59 -18.36 36.36
N ILE D 117 14.03 -19.56 36.52
CA ILE D 117 14.48 -20.72 35.75
C ILE D 117 14.30 -20.43 34.22
N ARG D 118 13.14 -19.89 33.86
CA ARG D 118 12.85 -19.51 32.48
C ARG D 118 13.79 -18.41 31.97
N ARG D 119 14.09 -17.44 32.85
CA ARG D 119 15.01 -16.34 32.49
C ARG D 119 16.38 -16.93 32.08
N LEU D 120 16.89 -17.85 32.89
CA LEU D 120 18.18 -18.49 32.60
C LEU D 120 18.14 -19.38 31.35
N THR D 121 17.02 -20.09 31.15
CA THR D 121 16.87 -20.91 29.99
C THR D 121 16.94 -20.04 28.74
N GLU D 122 16.21 -18.94 28.79
CA GLU D 122 16.18 -18.00 27.62
C GLU D 122 17.54 -17.34 27.42
N TRP D 123 18.23 -17.03 28.52
CA TRP D 123 19.56 -16.41 28.43
C TRP D 123 20.49 -17.28 27.59
N PHE D 124 20.58 -18.55 27.94
CA PHE D 124 21.51 -19.44 27.28
C PHE D 124 21.07 -19.93 25.92
N LEU D 125 19.77 -20.18 25.73
CA LEU D 125 19.24 -20.71 24.45
C LEU D 125 18.82 -19.65 23.47
N GLN D 126 18.72 -18.39 23.90
CA GLN D 126 18.35 -17.29 23.01
C GLN D 126 19.40 -16.19 22.95
N LYS D 127 19.79 -15.62 24.07
CA LYS D 127 20.77 -14.50 24.06
C LYS D 127 22.19 -14.98 23.69
N MSE D 128 22.75 -15.93 24.43
CA MSE D 128 24.08 -16.48 24.11
C MSE D 128 24.04 -17.18 22.74
O MSE D 128 25.03 -17.20 22.02
CB MSE D 128 24.58 -17.45 25.16
CG MSE D 128 26.09 -17.73 24.97
SE MSE D 128 26.80 -18.88 26.40
CE MSE D 128 26.20 -20.52 25.68
N GLU D 129 22.89 -17.75 22.41
CA GLU D 129 22.70 -18.46 21.17
C GLU D 129 22.87 -17.44 19.99
N ALA D 130 22.25 -16.27 20.11
CA ALA D 130 22.42 -15.21 19.07
C ALA D 130 23.83 -14.61 19.05
N ASP D 131 24.39 -14.35 20.23
CA ASP D 131 25.64 -13.65 20.36
C ASP D 131 26.83 -14.52 19.90
N VAL D 132 26.74 -15.82 20.18
CA VAL D 132 27.86 -16.72 20.06
C VAL D 132 27.53 -18.02 19.29
N THR D 133 26.62 -18.81 19.82
CA THR D 133 26.56 -20.22 19.44
C THR D 133 25.97 -20.50 18.06
N ARG D 134 24.86 -19.87 17.74
CA ARG D 134 24.27 -20.06 16.42
C ARG D 134 25.24 -19.65 15.26
N PRO D 135 25.81 -18.43 15.33
CA PRO D 135 26.65 -18.06 14.16
C PRO D 135 27.90 -18.93 14.08
N LEU D 136 28.43 -19.35 15.24
CA LEU D 136 29.65 -20.19 15.26
CA LEU D 136 29.62 -20.19 15.28
C LEU D 136 29.36 -21.57 14.68
N VAL D 137 28.27 -22.20 15.12
CA VAL D 137 27.83 -23.52 14.63
C VAL D 137 27.54 -23.45 13.14
N ARG D 138 26.88 -22.39 12.71
CA ARG D 138 26.59 -22.24 11.31
C ARG D 138 27.88 -22.21 10.47
N GLU D 139 28.85 -21.41 10.88
CA GLU D 139 30.10 -21.25 10.12
C GLU D 139 30.94 -22.53 10.12
N ARG D 140 31.04 -23.17 11.28
CA ARG D 140 31.95 -24.28 11.49
C ARG D 140 31.34 -25.66 11.26
N ILE D 141 30.03 -25.80 11.39
CA ILE D 141 29.37 -27.12 11.25
C ILE D 141 28.44 -27.13 10.05
N PHE D 142 27.42 -26.26 10.06
CA PHE D 142 26.34 -26.37 9.07
C PHE D 142 26.87 -26.11 7.66
N LYS D 143 27.80 -25.14 7.56
CA LYS D 143 28.40 -24.81 6.27
C LYS D 143 29.35 -25.87 5.72
N LEU D 144 29.73 -26.87 6.52
CA LEU D 144 30.39 -28.08 6.01
C LEU D 144 29.39 -29.08 5.47
N GLN D 145 28.33 -29.32 6.25
CA GLN D 145 27.31 -30.32 5.92
C GLN D 145 26.47 -29.88 4.73
N MSE D 146 26.40 -28.58 4.48
CA MSE D 146 25.58 -28.04 3.41
C MSE D 146 26.33 -28.20 2.12
O MSE D 146 27.55 -28.09 2.06
CB MSE D 146 25.34 -26.54 3.53
CG MSE D 146 24.16 -26.20 4.42
SE MSE D 146 24.23 -24.29 4.84
CE MSE D 146 23.44 -24.13 6.61
N THR D 147 25.56 -28.45 1.05
CA THR D 147 26.11 -28.42 -0.31
C THR D 147 26.27 -26.97 -0.75
N PRO D 148 27.09 -26.73 -1.78
CA PRO D 148 27.22 -25.36 -2.32
C PRO D 148 25.87 -24.70 -2.63
N ASP D 149 24.98 -25.45 -3.28
CA ASP D 149 23.62 -24.99 -3.60
C ASP D 149 22.76 -24.60 -2.38
N GLN D 150 22.97 -25.29 -1.26
CA GLN D 150 22.27 -24.98 0.01
C GLN D 150 22.84 -23.79 0.78
N GLY D 151 23.98 -23.26 0.35
CA GLY D 151 24.66 -22.17 1.06
C GLY D 151 25.98 -22.56 1.71
N GLY D 152 26.45 -23.77 1.37
CA GLY D 152 27.68 -24.32 1.93
C GLY D 152 28.92 -23.56 1.46
N GLY D 153 29.99 -23.62 2.25
CA GLY D 153 31.24 -22.96 1.90
C GLY D 153 32.23 -22.82 3.05
N ALA D 154 33.25 -22.00 2.84
CA ALA D 154 34.28 -21.79 3.85
C ALA D 154 33.71 -20.93 4.98
N PRO D 155 34.20 -21.14 6.21
CA PRO D 155 33.73 -20.27 7.31
C PRO D 155 34.04 -18.79 7.08
N ASP D 156 33.11 -17.92 7.45
CA ASP D 156 33.29 -16.47 7.30
C ASP D 156 34.15 -15.96 8.49
N SER D 157 35.36 -15.52 8.22
CA SER D 157 36.26 -15.08 9.30
C SER D 157 35.74 -13.97 10.17
N LYS D 158 35.00 -13.06 9.56
CA LYS D 158 34.52 -11.91 10.29
C LYS D 158 33.41 -12.33 11.29
N ILE D 159 32.55 -13.21 10.84
CA ILE D 159 31.56 -13.81 11.78
C ILE D 159 32.24 -14.60 12.90
N LEU D 160 33.25 -15.38 12.56
CA LEU D 160 33.99 -16.07 13.58
C LEU D 160 34.61 -15.12 14.61
N ARG D 161 35.21 -14.03 14.15
CA ARG D 161 35.80 -13.04 15.04
C ARG D 161 34.79 -12.43 16.01
N THR D 162 33.68 -11.99 15.46
CA THR D 162 32.61 -11.35 16.23
C THR D 162 32.05 -12.28 17.29
N SER D 163 31.69 -13.49 16.88
CA SER D 163 31.16 -14.48 17.80
C SER D 163 32.12 -14.80 18.94
N ARG D 164 33.38 -15.05 18.57
CA ARG D 164 34.41 -15.33 19.57
C ARG D 164 34.68 -14.19 20.54
N SER D 165 34.54 -12.95 20.08
CA SER D 165 34.73 -11.81 20.91
C SER D 165 33.64 -11.69 22.00
N ASN D 166 32.52 -12.35 21.82
CA ASN D 166 31.39 -12.31 22.76
C ASN D 166 31.43 -13.38 23.85
N ILE D 167 32.34 -14.35 23.72
CA ILE D 167 32.37 -15.51 24.62
C ILE D 167 32.77 -15.09 26.03
N ARG D 168 33.80 -14.26 26.17
CA ARG D 168 34.33 -13.95 27.52
C ARG D 168 33.27 -13.35 28.46
N GLN D 169 32.48 -12.42 27.98
CA GLN D 169 31.44 -11.84 28.79
C GLN D 169 30.38 -12.86 29.28
N HIS D 170 30.04 -13.79 28.39
CA HIS D 170 29.10 -14.85 28.71
C HIS D 170 29.69 -15.77 29.78
N MSE D 171 30.98 -16.10 29.65
CA MSE D 171 31.66 -16.96 30.61
C MSE D 171 31.78 -16.26 31.95
O MSE D 171 31.67 -16.94 32.97
CB MSE D 171 33.03 -17.41 30.06
CG MSE D 171 32.91 -18.30 28.83
SE MSE D 171 31.89 -19.97 29.20
CE MSE D 171 33.01 -20.71 30.57
N LYS D 172 31.98 -14.95 31.97
CA LYS D 172 32.02 -14.21 33.23
C LYS D 172 30.66 -14.30 33.97
N TYR D 173 29.60 -14.12 33.20
CA TYR D 173 28.25 -14.22 33.83
C TYR D 173 27.96 -15.66 34.35
N LEU D 174 28.29 -16.68 33.55
CA LEU D 174 28.12 -18.08 33.97
C LEU D 174 28.92 -18.38 35.22
N SER D 175 30.17 -17.93 35.24
CA SER D 175 31.02 -18.06 36.46
C SER D 175 30.41 -17.44 37.68
N TRP D 176 29.85 -16.25 37.52
CA TRP D 176 29.25 -15.61 38.65
C TRP D 176 28.03 -16.38 39.18
N LEU D 177 27.16 -16.81 38.27
CA LEU D 177 25.95 -17.58 38.64
C LEU D 177 26.40 -18.85 39.33
N ALA D 178 27.42 -19.48 38.77
CA ALA D 178 27.89 -20.77 39.33
C ALA D 178 28.56 -20.68 40.69
N GLY D 179 29.25 -19.57 40.93
CA GLY D 179 29.92 -19.37 42.17
C GLY D 179 29.03 -18.86 43.28
N SER D 180 27.84 -18.36 42.96
CA SER D 180 27.10 -17.59 43.94
C SER D 180 25.87 -18.30 44.45
N ARG D 181 25.53 -19.40 43.78
CA ARG D 181 24.38 -20.20 44.10
CA ARG D 181 24.38 -20.22 44.15
C ARG D 181 24.76 -21.70 43.95
N PRO D 182 24.05 -22.59 44.65
CA PRO D 182 24.46 -24.01 44.50
C PRO D 182 24.24 -24.53 43.07
N TRP D 183 23.21 -24.02 42.44
CA TRP D 183 22.93 -24.32 41.01
C TRP D 183 22.60 -22.96 40.38
N LEU D 184 22.51 -22.89 39.06
CA LEU D 184 22.38 -21.55 38.46
C LEU D 184 21.15 -20.78 38.93
N ALA D 185 20.03 -21.46 39.19
CA ALA D 185 18.78 -20.77 39.58
C ALA D 185 18.50 -20.77 41.06
N GLY D 186 19.37 -21.39 41.83
CA GLY D 186 19.15 -21.47 43.26
C GLY D 186 19.59 -22.77 43.85
N ASP D 187 18.74 -23.34 44.71
CA ASP D 187 19.17 -24.39 45.58
C ASP D 187 19.06 -25.79 44.96
N ARG D 188 18.42 -25.93 43.80
CA ARG D 188 18.33 -27.22 43.15
C ARG D 188 18.59 -27.13 41.64
N ILE D 189 18.99 -28.25 41.07
CA ILE D 189 19.19 -28.33 39.63
C ILE D 189 17.89 -27.98 38.95
N SER D 190 18.00 -27.27 37.82
CA SER D 190 16.81 -26.87 37.14
C SER D 190 17.08 -26.84 35.64
N TYR D 191 16.01 -26.59 34.91
CA TYR D 191 16.17 -26.27 33.45
C TYR D 191 17.29 -25.23 33.13
N GLY D 192 17.50 -24.27 34.01
CA GLY D 192 18.56 -23.27 33.79
C GLY D 192 19.94 -23.91 33.67
N ASP D 193 20.28 -24.83 34.57
CA ASP D 193 21.53 -25.62 34.46
C ASP D 193 21.63 -26.47 33.19
N LEU D 194 20.54 -27.13 32.83
CA LEU D 194 20.53 -27.98 31.64
C LEU D 194 20.67 -27.14 30.34
N ALA D 195 20.05 -25.97 30.31
CA ALA D 195 20.13 -25.09 29.14
C ALA D 195 21.55 -24.55 28.93
N ALA D 196 22.13 -24.05 30.00
CA ALA D 196 23.52 -23.60 29.99
C ALA D 196 24.47 -24.72 29.61
N ALA D 197 24.33 -25.91 30.23
CA ALA D 197 25.21 -27.01 29.91
C ALA D 197 25.10 -27.52 28.46
N ALA D 198 23.87 -27.49 27.95
CA ALA D 198 23.64 -27.87 26.56
C ALA D 198 24.43 -26.95 25.66
N ALA D 199 24.29 -25.66 25.91
CA ALA D 199 24.96 -24.65 25.05
C ALA D 199 26.47 -24.76 25.18
N ILE D 200 26.94 -24.87 26.44
CA ILE D 200 28.36 -25.00 26.68
C ILE D 200 28.96 -26.26 26.01
N SER D 201 28.20 -27.35 26.02
CA SER D 201 28.68 -28.61 25.45
C SER D 201 28.96 -28.49 23.95
N VAL D 202 28.13 -27.71 23.26
CA VAL D 202 28.32 -27.50 21.85
C VAL D 202 29.63 -26.70 21.62
N LEU D 203 29.76 -25.60 22.34
CA LEU D 203 30.94 -24.75 22.23
C LEU D 203 32.19 -25.51 22.62
N ASP D 204 32.06 -26.35 23.63
CA ASP D 204 33.20 -27.14 24.09
C ASP D 204 33.63 -28.21 23.08
N TYR D 205 32.67 -28.90 22.44
CA TYR D 205 32.94 -29.83 21.35
C TYR D 205 33.85 -29.16 20.32
N LEU D 206 33.52 -27.93 20.02
CA LEU D 206 34.24 -27.12 19.01
C LEU D 206 35.55 -26.51 19.53
N GLY D 207 35.84 -26.68 20.82
CA GLY D 207 37.07 -26.13 21.42
C GLY D 207 37.08 -24.64 21.62
N GLU D 208 35.92 -24.02 21.71
CA GLU D 208 35.77 -22.57 21.78
C GLU D 208 35.78 -22.00 23.20
N ILE D 209 35.80 -22.84 24.23
CA ILE D 209 35.79 -22.37 25.62
C ILE D 209 37.19 -22.52 26.28
N ASP D 210 37.73 -21.43 26.78
CA ASP D 210 38.97 -21.48 27.53
C ASP D 210 38.66 -21.68 29.04
N TRP D 211 38.74 -22.92 29.49
CA TRP D 211 38.39 -23.24 30.87
C TRP D 211 39.43 -22.75 31.89
N SER D 212 40.66 -22.52 31.46
CA SER D 212 41.71 -22.06 32.38
C SER D 212 41.36 -20.64 32.90
N ASP D 213 40.51 -19.93 32.16
CA ASP D 213 40.06 -18.58 32.52
C ASP D 213 38.70 -18.52 33.22
N ALA D 214 38.13 -19.69 33.56
CA ALA D 214 36.80 -19.70 34.20
C ALA D 214 36.65 -20.87 35.19
N PRO D 215 37.45 -20.84 36.25
CA PRO D 215 37.48 -21.99 37.17
C PRO D 215 36.16 -22.29 37.88
N THR D 216 35.40 -21.26 38.19
N THR D 216 35.34 -21.29 38.23
CA THR D 216 34.13 -21.45 38.86
CA THR D 216 34.04 -21.60 38.90
C THR D 216 33.09 -22.11 37.90
C THR D 216 33.00 -22.10 37.90
N ALA D 217 33.05 -21.65 36.67
CA ALA D 217 32.19 -22.25 35.65
C ALA D 217 32.64 -23.69 35.39
N LYS D 218 33.94 -23.93 35.45
CA LYS D 218 34.49 -25.25 35.22
C LYS D 218 33.99 -26.26 36.25
N GLU D 219 33.99 -25.86 37.52
CA GLU D 219 33.52 -26.75 38.60
C GLU D 219 32.06 -27.12 38.37
N TRP D 220 31.26 -26.14 37.99
CA TRP D 220 29.85 -26.33 37.71
C TRP D 220 29.62 -27.26 36.50
N TYR D 221 30.32 -27.00 35.41
CA TYR D 221 30.19 -27.81 34.19
C TYR D 221 30.63 -29.25 34.43
N GLN D 222 31.67 -29.43 35.24
CA GLN D 222 32.14 -30.76 35.61
C GLN D 222 31.05 -31.55 36.32
N ARG D 223 30.27 -30.90 37.17
CA ARG D 223 29.12 -31.54 37.82
C ARG D 223 28.06 -31.90 36.81
N LEU D 224 27.74 -31.02 35.87
CA LEU D 224 26.72 -31.37 34.87
C LEU D 224 27.20 -32.50 33.95
N LYS D 225 28.42 -32.39 33.46
CA LYS D 225 28.90 -33.30 32.42
C LYS D 225 29.08 -34.71 32.95
N SER D 226 29.17 -34.85 34.27
CA SER D 226 29.31 -36.14 34.92
CA SER D 226 29.32 -36.16 34.86
C SER D 226 27.98 -36.82 35.26
N ARG D 227 26.87 -36.17 34.98
CA ARG D 227 25.59 -36.80 35.26
C ARG D 227 25.34 -37.87 34.20
N PRO D 228 24.63 -38.94 34.57
CA PRO D 228 24.29 -39.97 33.57
C PRO D 228 23.58 -39.43 32.31
N SER D 229 22.75 -38.40 32.48
CA SER D 229 22.02 -37.77 31.35
C SER D 229 22.96 -37.19 30.27
N PHE D 230 24.18 -36.84 30.68
CA PHE D 230 25.14 -36.31 29.77
C PHE D 230 25.86 -37.33 28.90
N ARG D 231 25.83 -38.60 29.29
CA ARG D 231 26.66 -39.62 28.64
C ARG D 231 26.44 -39.69 27.13
N PRO D 232 25.20 -39.69 26.68
CA PRO D 232 25.00 -39.70 25.22
C PRO D 232 25.55 -38.45 24.49
N LEU D 233 25.57 -37.31 25.16
CA LEU D 233 26.15 -36.10 24.56
CA LEU D 233 26.16 -36.08 24.57
C LEU D 233 27.66 -36.22 24.42
N LEU D 234 28.31 -36.78 25.43
CA LEU D 234 29.75 -36.96 25.40
C LEU D 234 30.21 -38.03 24.42
N ALA D 235 29.34 -39.00 24.13
CA ALA D 235 29.67 -40.12 23.23
C ALA D 235 29.45 -39.71 21.78
N GLU D 236 28.63 -38.70 21.60
CA GLU D 236 28.15 -38.24 20.28
C GLU D 236 29.30 -37.68 19.42
N ARG D 237 29.29 -37.96 18.11
CA ARG D 237 30.26 -37.37 17.19
C ARG D 237 29.59 -36.82 15.93
N VAL D 238 30.11 -35.70 15.46
CA VAL D 238 29.59 -35.03 14.30
C VAL D 238 30.46 -35.39 13.09
N ARG D 239 29.83 -35.80 12.00
CA ARG D 239 30.55 -36.22 10.78
C ARG D 239 31.46 -35.10 10.29
N GLY D 240 32.74 -35.38 10.13
CA GLY D 240 33.71 -34.40 9.59
C GLY D 240 34.19 -33.32 10.53
N VAL D 241 33.86 -33.45 11.82
CA VAL D 241 34.40 -32.54 12.85
C VAL D 241 34.75 -33.33 14.08
N THR D 242 36.02 -33.41 14.35
CA THR D 242 36.53 -34.13 15.49
C THR D 242 36.43 -33.19 16.68
N PRO D 243 35.91 -33.69 17.80
CA PRO D 243 35.86 -32.82 18.99
C PRO D 243 37.21 -32.51 19.57
N VAL D 244 37.28 -31.46 20.36
CA VAL D 244 38.51 -31.14 21.12
C VAL D 244 38.84 -32.35 22.03
N SER D 245 40.12 -32.58 22.31
CA SER D 245 40.54 -33.83 22.99
C SER D 245 39.91 -34.02 24.38
N HIS D 246 39.69 -32.94 25.12
CA HIS D 246 39.12 -33.04 26.49
C HIS D 246 37.58 -33.16 26.50
N TYR D 247 36.97 -33.11 25.31
CA TYR D 247 35.50 -33.01 25.21
C TYR D 247 34.74 -34.03 26.08
N ALA D 248 35.13 -35.30 25.97
CA ALA D 248 34.44 -36.38 26.71
C ALA D 248 35.02 -36.66 28.08
N ASP D 249 36.09 -35.96 28.45
CA ASP D 249 36.79 -36.24 29.70
C ASP D 249 36.06 -35.64 30.88
N LEU D 250 35.78 -36.45 31.88
CA LEU D 250 35.16 -35.95 33.11
C LEU D 250 36.14 -35.14 33.93
N ASP D 251 37.42 -35.47 33.83
CA ASP D 251 38.48 -34.64 34.39
C ASP D 251 39.18 -33.93 33.23
N PHE D 252 39.03 -32.62 33.15
CA PHE D 252 39.69 -31.86 32.10
C PHE D 252 40.33 -30.56 32.60
C1 GOL E . -34.61 23.12 -10.13
O1 GOL E . -33.61 22.66 -11.03
C2 GOL E . -35.42 24.16 -10.86
O2 GOL E . -34.61 25.33 -11.12
C3 GOL E . -36.65 24.46 -10.02
O3 GOL E . -37.84 24.57 -10.83
C1 GOL F . -5.17 35.02 -43.39
O1 GOL F . -5.84 33.99 -44.10
C2 GOL F . -4.36 34.38 -42.25
O2 GOL F . -3.20 35.14 -41.90
C3 GOL F . -5.25 34.26 -41.02
O3 GOL F . -5.77 35.51 -40.56
C1 GOL G . 1.77 -1.09 1.42
O1 GOL G . 2.32 -1.96 0.44
C2 GOL G . 2.76 0.00 1.88
O2 GOL G . 3.67 0.40 0.83
C3 GOL G . 1.90 1.18 2.30
O3 GOL G . 2.44 1.96 3.40
#